data_6MBZ
#
_entry.id   6MBZ
#
_cell.length_a   132.380
_cell.length_b   141.400
_cell.length_c   72.850
_cell.angle_alpha   90.00
_cell.angle_beta   90.00
_cell.angle_gamma   90.00
#
_symmetry.space_group_name_H-M   'P 21 21 2'
#
loop_
_entity.id
_entity.type
_entity.pdbx_description
1 polymer 'Signal transducer and activator of transcription 5B'
2 water water
#
_entity_poly.entity_id   1
_entity_poly.type   'polypeptide(L)'
_entity_poly.pdbx_seq_one_letter_code
;STGSAMSQKHLQINQTFEELRLVTQDTENELKKLQQTQEYFIIQYQESLRIQAQFGPLAQLSPQERLSRETALQQKQVSL
EAWLQREAQTLQQYRVELAEKHQKTLQLLRKQQTIILDDELIQWKRRQQLAGNGGPPEGSLDVLQSWCEKLAEIIWQNRQ
QIRRAEHLCQQLPIPGPVEEMLAEVNATITDIISALVTSTFIIEKQPPQVLKTQTKFAATVRLLVGGKLNVHMNPPQVKA
TIISEQQAKSLLKNENTRNDYSGEILNNCCVMEYHQATGTLSAHFRNMSLKRIKRSDRRGAESVTEEKFTILFESQFSVG
GNELVFQVKTLSLPVVVIVHGSQDNNATATVLWDNAFAEPGRVPFAVPDKVLWPQLCEALNMKFKAEVQSNRGLTKENLV
FLAQKLFNNSSSHLEDYSGLSVSWSQFNRENLPGRNYTFWQWFDGVMEVLKKHLKPHWNDGAILGFVNKQQAHDLLINKP
DGTFLLRFSDSEIGGITIAWKFDSQERMFWHLMPFTTRDFSIRSLADRLGDLNYLIYVFPDRPKDEVYSKYYTPVPCESA
TAKAVDGYVKPQ
;
_entity_poly.pdbx_strand_id   A,B
#
# COMPACT_ATOMS: atom_id res chain seq x y z
N SER A 7 -5.76 -19.48 3.87
CA SER A 7 -6.25 -19.28 5.22
C SER A 7 -5.12 -18.85 6.16
N GLN A 8 -4.07 -18.28 5.59
CA GLN A 8 -2.95 -17.79 6.38
C GLN A 8 -3.15 -16.33 6.77
N LYS A 9 -3.29 -15.45 5.77
CA LYS A 9 -3.61 -14.05 5.99
C LYS A 9 -5.09 -13.76 5.79
N HIS A 10 -5.92 -14.79 5.61
CA HIS A 10 -7.36 -14.65 5.81
C HIS A 10 -7.64 -14.36 7.28
N LEU A 11 -6.81 -14.92 8.15
CA LEU A 11 -6.89 -14.62 9.57
C LEU A 11 -6.78 -13.13 9.83
N GLN A 12 -6.01 -12.40 9.03
CA GLN A 12 -5.97 -10.94 9.16
C GLN A 12 -7.36 -10.35 9.02
N ILE A 13 -8.11 -10.79 7.99
CA ILE A 13 -9.46 -10.30 7.76
C ILE A 13 -10.36 -10.64 8.93
N ASN A 14 -10.33 -11.89 9.39
CA ASN A 14 -11.21 -12.26 10.50
C ASN A 14 -10.81 -11.58 11.81
N GLN A 15 -9.52 -11.30 12.02
CA GLN A 15 -9.11 -10.55 13.19
C GLN A 15 -9.67 -9.14 13.14
N THR A 16 -9.59 -8.48 11.97
CA THR A 16 -10.19 -7.16 11.84
C THR A 16 -11.71 -7.21 12.04
N PHE A 17 -12.35 -8.30 11.61
CA PHE A 17 -13.79 -8.44 11.79
C PHE A 17 -14.16 -8.55 13.27
N GLU A 18 -13.39 -9.32 14.04
CA GLU A 18 -13.67 -9.41 15.47
C GLU A 18 -13.48 -8.06 16.15
N GLU A 19 -12.44 -7.32 15.75
CA GLU A 19 -12.24 -5.97 16.26
C GLU A 19 -13.44 -5.09 15.97
N LEU A 20 -13.92 -5.11 14.72
CA LEU A 20 -15.09 -4.33 14.35
C LEU A 20 -16.30 -4.70 15.20
N ARG A 21 -16.55 -6.00 15.34
CA ARG A 21 -17.66 -6.46 16.17
C ARG A 21 -17.56 -5.89 17.58
N LEU A 22 -16.37 -5.96 18.17
CA LEU A 22 -16.17 -5.47 19.54
C LEU A 22 -16.42 -3.97 19.63
N VAL A 23 -15.91 -3.19 18.68
CA VAL A 23 -16.06 -1.74 18.76
C VAL A 23 -17.51 -1.32 18.56
N THR A 24 -18.22 -1.96 17.62
CA THR A 24 -19.63 -1.62 17.48
C THR A 24 -20.42 -2.02 18.71
N GLN A 25 -20.08 -3.15 19.32
CA GLN A 25 -20.77 -3.58 20.54
C GLN A 25 -20.56 -2.59 21.69
N ASP A 26 -19.30 -2.19 21.92
CA ASP A 26 -19.05 -1.27 23.02
C ASP A 26 -19.62 0.11 22.74
N THR A 27 -19.67 0.53 21.46
CA THR A 27 -20.32 1.79 21.13
C THR A 27 -21.82 1.73 21.40
N GLU A 28 -22.44 0.59 21.12
CA GLU A 28 -23.86 0.43 21.44
C GLU A 28 -24.08 0.49 22.94
N ASN A 29 -23.16 -0.09 23.71
CA ASN A 29 -23.27 -0.01 25.18
C ASN A 29 -23.12 1.43 25.66
N GLU A 30 -22.18 2.18 25.05
CA GLU A 30 -22.05 3.60 25.33
C GLU A 30 -23.34 4.35 25.04
N LEU A 31 -23.98 4.05 23.92
CA LEU A 31 -25.22 4.73 23.57
C LEU A 31 -26.34 4.39 24.54
N LYS A 32 -26.37 3.15 25.02
CA LYS A 32 -27.34 2.77 26.06
C LYS A 32 -27.14 3.62 27.31
N LYS A 33 -25.89 3.74 27.76
CA LYS A 33 -25.61 4.55 28.94
C LYS A 33 -25.97 6.01 28.70
N LEU A 34 -25.71 6.51 27.50
CA LEU A 34 -26.03 7.90 27.19
C LEU A 34 -27.55 8.14 27.20
N GLN A 35 -28.32 7.18 26.68
CA GLN A 35 -29.78 7.29 26.74
C GLN A 35 -30.25 7.32 28.18
N GLN A 36 -29.72 6.45 29.03
CA GLN A 36 -30.10 6.47 30.45
C GLN A 36 -29.75 7.81 31.09
N THR A 37 -28.56 8.33 30.78
CA THR A 37 -28.14 9.61 31.32
C THR A 37 -29.12 10.72 30.94
N GLN A 38 -29.48 10.78 29.66
CA GLN A 38 -30.41 11.82 29.21
C GLN A 38 -31.79 11.62 29.85
N GLU A 39 -32.24 10.36 29.97
CA GLU A 39 -33.55 10.09 30.54
C GLU A 39 -33.62 10.55 32.00
N TYR A 40 -32.51 10.41 32.72
CA TYR A 40 -32.49 10.93 34.09
C TYR A 40 -32.39 12.45 34.09
N PHE A 41 -31.63 13.02 33.15
CA PHE A 41 -31.48 14.46 33.10
C PHE A 41 -32.82 15.14 32.91
N ILE A 42 -33.67 14.59 32.04
CA ILE A 42 -34.92 15.31 31.75
C ILE A 42 -35.86 15.27 32.95
N ILE A 43 -35.84 14.19 33.75
CA ILE A 43 -36.70 14.20 34.94
C ILE A 43 -36.17 15.21 35.96
N GLN A 44 -34.84 15.34 36.09
CA GLN A 44 -34.36 16.39 37.00
C GLN A 44 -34.64 17.80 36.46
N TYR A 45 -34.64 17.96 35.15
CA TYR A 45 -35.00 19.25 34.56
C TYR A 45 -36.48 19.54 34.77
N GLN A 46 -37.32 18.51 34.76
CA GLN A 46 -38.73 18.70 35.09
C GLN A 46 -38.89 19.07 36.56
N GLU A 47 -38.06 18.52 37.43
CA GLU A 47 -38.02 18.99 38.81
C GLU A 47 -37.71 20.49 38.87
N SER A 48 -36.74 20.93 38.07
CA SER A 48 -36.45 22.36 38.01
C SER A 48 -37.66 23.15 37.53
N LEU A 49 -38.40 22.62 36.55
CA LEU A 49 -39.59 23.29 36.06
C LEU A 49 -40.65 23.40 37.14
N ARG A 50 -40.83 22.35 37.95
CA ARG A 50 -41.79 22.42 39.04
C ARG A 50 -41.37 23.47 40.07
N ILE A 51 -40.07 23.51 40.38
CA ILE A 51 -39.53 24.50 41.31
C ILE A 51 -39.48 25.89 40.70
N GLN A 52 -39.60 26.01 39.38
CA GLN A 52 -39.45 27.31 38.71
C GLN A 52 -40.45 28.34 39.24
N ALA A 53 -40.03 29.59 39.17
CA ALA A 53 -40.84 30.73 39.61
C ALA A 53 -41.37 30.56 41.03
N PRO A 57 -44.95 32.79 44.92
CA PRO A 57 -44.78 31.35 44.68
C PRO A 57 -45.34 30.48 45.80
N LEU A 58 -46.34 30.99 46.51
CA LEU A 58 -46.97 30.27 47.62
C LEU A 58 -48.25 31.01 47.99
N ALA A 59 -48.82 30.66 49.14
CA ALA A 59 -50.07 31.24 49.63
C ALA A 59 -49.77 32.27 50.73
N GLN A 60 -50.79 32.60 51.53
CA GLN A 60 -50.67 33.67 52.50
C GLN A 60 -49.84 33.22 53.70
N LEU A 61 -48.73 33.91 53.93
CA LEU A 61 -47.85 33.63 55.06
C LEU A 61 -47.37 34.94 55.66
N SER A 62 -46.74 34.84 56.83
CA SER A 62 -46.21 36.03 57.48
C SER A 62 -44.91 36.48 56.80
N PRO A 63 -44.64 37.79 56.78
CA PRO A 63 -43.41 38.28 56.15
C PRO A 63 -42.14 37.71 56.76
N GLN A 64 -42.21 37.14 57.97
CA GLN A 64 -41.04 36.50 58.55
C GLN A 64 -40.78 35.14 57.90
N GLU A 65 -41.81 34.32 57.75
CA GLU A 65 -41.65 33.03 57.08
C GLU A 65 -41.47 33.19 55.58
N ARG A 66 -42.04 34.24 54.99
CA ARG A 66 -41.97 34.41 53.54
C ARG A 66 -40.54 34.64 53.08
N LEU A 67 -39.77 35.45 53.82
CA LEU A 67 -38.38 35.67 53.45
C LEU A 67 -37.59 34.36 53.47
N SER A 68 -37.80 33.55 54.51
CA SER A 68 -37.10 32.26 54.60
C SER A 68 -37.50 31.34 53.45
N ARG A 69 -38.80 31.23 53.18
CA ARG A 69 -39.25 30.36 52.10
C ARG A 69 -38.71 30.82 50.76
N GLU A 70 -38.78 32.12 50.48
CA GLU A 70 -38.29 32.64 49.20
C GLU A 70 -36.79 32.46 49.06
N THR A 71 -36.02 32.69 50.13
CA THR A 71 -34.58 32.53 50.00
C THR A 71 -34.19 31.05 49.87
N ALA A 72 -34.93 30.16 50.52
CA ALA A 72 -34.65 28.74 50.38
C ALA A 72 -34.97 28.26 48.97
N LEU A 73 -36.08 28.75 48.40
CA LEU A 73 -36.41 28.38 47.03
C LEU A 73 -35.40 28.96 46.05
N GLN A 74 -34.99 30.20 46.25
CA GLN A 74 -33.99 30.80 45.36
C GLN A 74 -32.67 30.05 45.44
N GLN A 75 -32.26 29.65 46.64
CA GLN A 75 -31.08 28.81 46.80
C GLN A 75 -31.23 27.51 46.01
N LYS A 76 -32.37 26.82 46.18
CA LYS A 76 -32.61 25.59 45.45
C LYS A 76 -32.57 25.83 43.95
N GLN A 77 -33.05 27.00 43.51
CA GLN A 77 -33.12 27.28 42.07
C GLN A 77 -31.72 27.49 41.50
N VAL A 78 -30.90 28.32 42.14
CA VAL A 78 -29.57 28.56 41.58
C VAL A 78 -28.73 27.30 41.67
N SER A 79 -28.90 26.52 42.74
CA SER A 79 -28.19 25.25 42.85
C SER A 79 -28.60 24.30 41.74
N LEU A 80 -29.91 24.20 41.49
CA LEU A 80 -30.42 23.29 40.48
C LEU A 80 -29.97 23.72 39.09
N GLU A 81 -29.87 25.03 38.86
CA GLU A 81 -29.32 25.54 37.60
C GLU A 81 -27.85 25.16 37.45
N ALA A 82 -27.06 25.32 38.50
CA ALA A 82 -25.65 24.95 38.43
C ALA A 82 -25.49 23.45 38.21
N TRP A 83 -26.38 22.65 38.81
CA TRP A 83 -26.35 21.21 38.61
C TRP A 83 -26.70 20.84 37.17
N LEU A 84 -27.68 21.52 36.59
CA LEU A 84 -28.09 21.25 35.21
C LEU A 84 -27.02 21.65 34.20
N GLN A 85 -26.43 22.85 34.35
CA GLN A 85 -25.42 23.24 33.38
C GLN A 85 -24.25 22.24 33.38
N ARG A 86 -23.87 21.78 34.57
CA ARG A 86 -22.81 20.77 34.68
C ARG A 86 -23.21 19.47 33.98
N GLU A 87 -24.44 19.00 34.26
CA GLU A 87 -24.88 17.74 33.68
C GLU A 87 -24.98 17.83 32.17
N ALA A 88 -25.54 18.93 31.66
CA ALA A 88 -25.58 19.14 30.22
C ALA A 88 -24.19 19.16 29.61
N GLN A 89 -23.24 19.81 30.27
CA GLN A 89 -21.88 19.86 29.77
C GLN A 89 -21.27 18.46 29.67
N THR A 90 -21.33 17.68 30.76
CA THR A 90 -20.75 16.34 30.71
C THR A 90 -21.52 15.43 29.74
N LEU A 91 -22.81 15.67 29.57
CA LEU A 91 -23.59 14.90 28.59
C LEU A 91 -23.10 15.19 27.19
N GLN A 92 -22.90 16.47 26.86
CA GLN A 92 -22.38 16.84 25.56
C GLN A 92 -20.98 16.26 25.34
N GLN A 93 -20.15 16.27 26.39
CA GLN A 93 -18.86 15.59 26.31
C GLN A 93 -19.04 14.15 25.89
N TYR A 94 -19.92 13.42 26.58
CA TYR A 94 -20.21 12.03 26.22
C TYR A 94 -20.67 11.92 24.77
N ARG A 95 -21.51 12.85 24.33
CA ARG A 95 -22.05 12.80 22.97
C ARG A 95 -20.92 12.95 21.93
N VAL A 96 -20.06 13.94 22.11
CA VAL A 96 -18.98 14.13 21.15
C VAL A 96 -18.01 12.96 21.19
N GLU A 97 -17.87 12.32 22.36
CA GLU A 97 -17.05 11.11 22.43
C GLU A 97 -17.67 9.99 21.63
N LEU A 98 -19.00 9.82 21.74
CA LEU A 98 -19.71 8.83 20.94
C LEU A 98 -19.49 9.07 19.45
N ALA A 99 -19.69 10.31 19.01
CA ALA A 99 -19.47 10.65 17.60
C ALA A 99 -18.04 10.35 17.17
N GLU A 100 -17.06 10.66 18.03
CA GLU A 100 -15.67 10.35 17.70
C GLU A 100 -15.46 8.84 17.51
N LYS A 101 -15.99 8.04 18.44
CA LYS A 101 -15.81 6.60 18.35
C LYS A 101 -16.50 6.02 17.11
N HIS A 102 -17.70 6.53 16.80
CA HIS A 102 -18.38 6.11 15.58
C HIS A 102 -17.54 6.45 14.35
N GLN A 103 -16.98 7.66 14.32
CA GLN A 103 -16.08 8.04 13.24
C GLN A 103 -14.94 7.03 13.07
N LYS A 104 -14.26 6.74 14.18
CA LYS A 104 -13.11 5.82 14.14
C LYS A 104 -13.52 4.45 13.59
N THR A 105 -14.62 3.90 14.11
CA THR A 105 -15.13 2.62 13.62
C THR A 105 -15.39 2.68 12.13
N LEU A 106 -16.03 3.75 11.66
CA LEU A 106 -16.31 3.87 10.23
C LEU A 106 -15.04 3.94 9.39
N GLN A 107 -14.01 4.65 9.87
CA GLN A 107 -12.76 4.69 9.11
C GLN A 107 -12.17 3.29 8.94
N LEU A 108 -12.14 2.51 10.03
CA LEU A 108 -11.51 1.20 9.90
C LEU A 108 -12.39 0.27 9.08
N LEU A 109 -13.71 0.40 9.21
CA LEU A 109 -14.63 -0.37 8.38
C LEU A 109 -14.45 -0.01 6.91
N ARG A 110 -14.21 1.27 6.60
CA ARG A 110 -13.91 1.68 5.24
C ARG A 110 -12.67 0.95 4.72
N LYS A 111 -11.61 0.91 5.53
CA LYS A 111 -10.41 0.20 5.12
C LYS A 111 -10.70 -1.28 4.85
N GLN A 112 -11.52 -1.89 5.71
CA GLN A 112 -11.83 -3.31 5.55
C GLN A 112 -12.68 -3.56 4.32
N GLN A 113 -13.69 -2.72 4.10
CA GLN A 113 -14.54 -2.85 2.93
C GLN A 113 -13.73 -2.69 1.64
N THR A 114 -12.84 -1.70 1.59
CA THR A 114 -11.99 -1.56 0.42
C THR A 114 -11.11 -2.79 0.24
N ILE A 115 -10.64 -3.38 1.34
CA ILE A 115 -9.84 -4.60 1.25
C ILE A 115 -10.63 -5.72 0.61
N ILE A 116 -11.84 -5.98 1.10
CA ILE A 116 -12.64 -7.09 0.60
C ILE A 116 -13.08 -6.83 -0.84
N LEU A 117 -13.80 -5.72 -1.05
CA LEU A 117 -14.46 -5.44 -2.31
C LEU A 117 -13.44 -5.14 -3.42
N ASP A 118 -12.38 -4.39 -3.12
CA ASP A 118 -11.47 -3.93 -4.14
C ASP A 118 -10.32 -4.90 -4.43
N ASP A 119 -10.12 -5.90 -3.57
CA ASP A 119 -8.99 -6.80 -3.75
C ASP A 119 -9.45 -8.26 -3.81
N GLU A 120 -10.04 -8.76 -2.72
CA GLU A 120 -10.43 -10.17 -2.67
C GLU A 120 -11.48 -10.50 -3.71
N LEU A 121 -12.48 -9.63 -3.87
CA LEU A 121 -13.50 -9.86 -4.89
C LEU A 121 -12.90 -9.80 -6.28
N ILE A 122 -11.99 -8.85 -6.52
CA ILE A 122 -11.31 -8.77 -7.80
C ILE A 122 -10.45 -10.02 -8.02
N GLN A 123 -9.83 -10.51 -6.95
CA GLN A 123 -9.04 -11.75 -7.07
C GLN A 123 -9.93 -12.91 -7.49
N TRP A 124 -11.10 -13.04 -6.86
CA TRP A 124 -12.00 -14.15 -7.21
C TRP A 124 -12.53 -14.01 -8.63
N LYS A 125 -12.88 -12.78 -9.03
CA LYS A 125 -13.34 -12.55 -10.40
C LYS A 125 -12.25 -12.86 -11.41
N ARG A 126 -10.99 -12.61 -11.04
CA ARG A 126 -9.88 -12.96 -11.92
C ARG A 126 -9.68 -14.48 -11.98
N ARG A 127 -9.88 -15.17 -10.86
CA ARG A 127 -9.90 -16.63 -10.90
C ARG A 127 -10.96 -17.12 -11.87
N GLN A 128 -12.10 -16.46 -11.85
CA GLN A 128 -13.16 -16.87 -12.78
C GLN A 128 -12.66 -16.63 -14.19
N GLN A 129 -12.15 -15.45 -14.45
CA GLN A 129 -11.67 -15.10 -15.77
C GLN A 129 -10.69 -16.14 -16.29
N LEU A 130 -9.74 -16.55 -15.46
CA LEU A 130 -8.74 -17.53 -15.89
C LEU A 130 -9.34 -18.92 -16.07
N ALA A 131 -10.34 -19.28 -15.27
CA ALA A 131 -10.97 -20.59 -15.42
C ALA A 131 -11.59 -20.76 -16.79
N GLY A 132 -12.03 -19.67 -17.42
CA GLY A 132 -12.55 -19.72 -18.77
C GLY A 132 -11.54 -20.16 -19.82
N ASN A 133 -10.26 -20.17 -19.48
CA ASN A 133 -9.21 -20.66 -20.35
C ASN A 133 -8.65 -21.99 -19.86
N GLY A 134 -9.46 -22.74 -19.12
CA GLY A 134 -9.02 -24.02 -18.59
C GLY A 134 -8.16 -23.96 -17.36
N GLY A 135 -8.09 -22.81 -16.69
CA GLY A 135 -7.33 -22.69 -15.48
C GLY A 135 -8.03 -23.32 -14.31
N PRO A 136 -7.46 -23.15 -13.10
CA PRO A 136 -8.09 -23.71 -11.92
C PRO A 136 -9.43 -23.05 -11.67
N PRO A 137 -10.40 -23.81 -11.14
CA PRO A 137 -11.73 -23.24 -10.91
C PRO A 137 -11.69 -22.12 -9.89
N GLU A 138 -12.62 -21.16 -10.05
CA GLU A 138 -12.65 -20.00 -9.17
C GLU A 138 -12.99 -20.37 -7.73
N GLY A 139 -13.79 -21.42 -7.54
CA GLY A 139 -14.21 -21.84 -6.22
C GLY A 139 -15.53 -21.23 -5.81
N SER A 140 -15.88 -21.47 -4.55
CA SER A 140 -17.13 -20.99 -3.98
C SER A 140 -16.94 -19.63 -3.31
N LEU A 141 -17.97 -18.80 -3.41
CA LEU A 141 -17.95 -17.48 -2.78
C LEU A 141 -18.51 -17.51 -1.37
N ASP A 142 -18.64 -18.68 -0.76
CA ASP A 142 -19.18 -18.74 0.59
C ASP A 142 -18.29 -18.01 1.59
N VAL A 143 -16.98 -18.00 1.35
CA VAL A 143 -16.09 -17.17 2.17
C VAL A 143 -16.36 -15.70 1.94
N LEU A 144 -16.45 -15.29 0.66
CA LEU A 144 -16.76 -13.90 0.35
C LEU A 144 -18.20 -13.56 0.73
N GLN A 145 -19.12 -14.51 0.58
CA GLN A 145 -20.49 -14.26 1.02
C GLN A 145 -20.53 -14.01 2.52
N SER A 146 -19.86 -14.85 3.31
CA SER A 146 -19.85 -14.66 4.75
C SER A 146 -19.19 -13.33 5.12
N TRP A 147 -18.10 -12.98 4.45
CA TRP A 147 -17.46 -11.70 4.70
C TRP A 147 -18.41 -10.53 4.42
N CYS A 148 -19.10 -10.55 3.28
CA CYS A 148 -20.03 -9.48 2.97
C CYS A 148 -21.20 -9.45 3.93
N GLU A 149 -21.66 -10.60 4.41
CA GLU A 149 -22.69 -10.61 5.45
C GLU A 149 -22.19 -9.91 6.70
N LYS A 150 -20.94 -10.16 7.10
CA LYS A 150 -20.41 -9.48 8.28
C LYS A 150 -20.27 -7.98 8.04
N LEU A 151 -19.84 -7.58 6.84
CA LEU A 151 -19.76 -6.15 6.53
C LEU A 151 -21.12 -5.48 6.63
N ALA A 152 -22.12 -6.05 5.96
CA ALA A 152 -23.46 -5.46 5.98
C ALA A 152 -24.03 -5.40 7.39
N GLU A 153 -23.88 -6.50 8.15
CA GLU A 153 -24.33 -6.53 9.53
C GLU A 153 -23.71 -5.39 10.33
N ILE A 154 -22.39 -5.26 10.25
CA ILE A 154 -21.67 -4.26 11.04
C ILE A 154 -22.14 -2.85 10.67
N ILE A 155 -22.13 -2.51 9.38
CA ILE A 155 -22.43 -1.13 9.01
C ILE A 155 -23.89 -0.81 9.28
N TRP A 156 -24.80 -1.77 9.10
CA TRP A 156 -26.21 -1.50 9.38
C TRP A 156 -26.43 -1.28 10.87
N GLN A 157 -25.74 -2.06 11.71
CA GLN A 157 -25.85 -1.85 13.15
C GLN A 157 -25.32 -0.47 13.54
N ASN A 158 -24.23 -0.03 12.91
CA ASN A 158 -23.71 1.31 13.19
C ASN A 158 -24.66 2.39 12.71
N ARG A 159 -25.32 2.17 11.57
CA ARG A 159 -26.34 3.10 11.11
C ARG A 159 -27.47 3.22 12.12
N GLN A 160 -27.90 2.09 12.66
CA GLN A 160 -28.94 2.11 13.70
C GLN A 160 -28.49 2.92 14.91
N GLN A 161 -27.24 2.70 15.35
CA GLN A 161 -26.72 3.43 16.49
C GLN A 161 -26.68 4.93 16.22
N ILE A 162 -26.25 5.33 15.03
CA ILE A 162 -26.12 6.75 14.71
C ILE A 162 -27.50 7.40 14.63
N ARG A 163 -28.47 6.73 14.00
CA ARG A 163 -29.82 7.28 13.95
C ARG A 163 -30.44 7.36 15.34
N ARG A 164 -30.13 6.41 16.21
CA ARG A 164 -30.62 6.48 17.59
C ARG A 164 -30.04 7.68 18.30
N ALA A 165 -28.74 7.94 18.09
CA ALA A 165 -28.13 9.14 18.68
C ALA A 165 -28.76 10.41 18.13
N GLU A 166 -29.13 10.40 16.85
CA GLU A 166 -29.83 11.53 16.25
C GLU A 166 -31.16 11.79 16.95
N HIS A 167 -31.95 10.72 17.11
CA HIS A 167 -33.24 10.86 17.79
C HIS A 167 -33.06 11.36 19.22
N LEU A 168 -32.04 10.85 19.91
CA LEU A 168 -31.77 11.29 21.27
C LEU A 168 -31.38 12.77 21.31
N CYS A 169 -30.58 13.21 20.33
CA CYS A 169 -30.24 14.63 20.24
C CYS A 169 -31.47 15.49 20.00
N GLN A 170 -32.47 14.95 19.30
CA GLN A 170 -33.70 15.71 19.06
C GLN A 170 -34.43 16.04 20.35
N GLN A 171 -34.56 15.07 21.26
CA GLN A 171 -35.37 15.28 22.46
C GLN A 171 -34.73 16.27 23.43
N LEU A 172 -33.41 16.23 23.58
CA LEU A 172 -32.68 17.13 24.46
C LEU A 172 -31.53 17.74 23.68
N PRO A 173 -31.75 18.87 23.00
CA PRO A 173 -30.70 19.46 22.17
C PRO A 173 -29.70 20.25 23.00
N ILE A 174 -28.42 19.94 22.80
CA ILE A 174 -27.31 20.72 23.34
C ILE A 174 -26.56 21.28 22.14
N PRO A 175 -26.21 22.58 22.12
CA PRO A 175 -25.64 23.19 20.91
C PRO A 175 -24.42 22.46 20.35
N GLY A 176 -23.23 22.88 20.75
CA GLY A 176 -22.00 22.18 20.40
C GLY A 176 -21.80 21.94 18.91
N PRO A 177 -20.84 21.07 18.58
CA PRO A 177 -20.58 20.75 17.17
C PRO A 177 -20.97 19.34 16.79
N VAL A 178 -21.96 18.76 17.49
CA VAL A 178 -22.24 17.34 17.33
C VAL A 178 -23.12 17.06 16.12
N GLU A 179 -24.03 17.98 15.78
CA GLU A 179 -24.91 17.75 14.63
C GLU A 179 -24.14 17.63 13.32
N GLU A 180 -23.11 18.47 13.15
CA GLU A 180 -22.29 18.38 11.94
C GLU A 180 -21.54 17.06 11.89
N MET A 181 -21.03 16.59 13.04
CA MET A 181 -20.35 15.30 13.09
C MET A 181 -21.29 14.18 12.68
N LEU A 182 -22.51 14.18 13.22
CA LEU A 182 -23.48 13.14 12.86
C LEU A 182 -23.86 13.23 11.38
N ALA A 183 -23.99 14.44 10.85
CA ALA A 183 -24.33 14.59 9.44
C ALA A 183 -23.20 14.08 8.55
N GLU A 184 -21.96 14.44 8.86
CA GLU A 184 -20.82 13.96 8.09
C GLU A 184 -20.71 12.44 8.16
N VAL A 185 -20.94 11.86 9.35
CA VAL A 185 -20.80 10.42 9.52
C VAL A 185 -21.91 9.68 8.80
N ASN A 186 -23.13 10.22 8.81
CA ASN A 186 -24.24 9.56 8.15
C ASN A 186 -24.04 9.52 6.64
N ALA A 187 -23.52 10.61 6.06
CA ALA A 187 -23.23 10.61 4.63
C ALA A 187 -22.19 9.55 4.28
N THR A 188 -21.14 9.43 5.09
CA THR A 188 -20.17 8.35 4.90
C THR A 188 -20.85 6.99 4.95
N ILE A 189 -21.83 6.83 5.86
CA ILE A 189 -22.53 5.56 5.98
C ILE A 189 -23.28 5.22 4.70
N THR A 190 -24.06 6.19 4.18
CA THR A 190 -24.78 5.93 2.94
C THR A 190 -23.83 5.66 1.79
N ASP A 191 -22.69 6.35 1.75
CA ASP A 191 -21.71 6.13 0.69
C ASP A 191 -21.19 4.69 0.75
N ILE A 192 -20.85 4.22 1.96
CA ILE A 192 -20.36 2.86 2.12
C ILE A 192 -21.43 1.86 1.69
N ILE A 193 -22.68 2.10 2.11
CA ILE A 193 -23.76 1.17 1.79
C ILE A 193 -23.96 1.10 0.29
N SER A 194 -23.90 2.25 -0.40
CA SER A 194 -24.05 2.25 -1.85
C SER A 194 -22.92 1.46 -2.50
N ALA A 195 -21.68 1.71 -2.08
CA ALA A 195 -20.55 0.97 -2.63
C ALA A 195 -20.72 -0.54 -2.43
N LEU A 196 -21.09 -0.94 -1.21
CA LEU A 196 -21.28 -2.36 -0.91
C LEU A 196 -22.38 -2.98 -1.76
N VAL A 197 -23.55 -2.35 -1.79
CA VAL A 197 -24.70 -2.93 -2.49
C VAL A 197 -24.44 -3.02 -3.99
N THR A 198 -23.86 -1.97 -4.58
CA THR A 198 -23.59 -2.03 -6.01
C THR A 198 -22.46 -2.99 -6.35
N SER A 199 -21.49 -3.17 -5.45
CA SER A 199 -20.32 -3.99 -5.79
C SER A 199 -20.50 -5.48 -5.55
N THR A 200 -21.47 -5.90 -4.74
CA THR A 200 -21.68 -7.33 -4.48
C THR A 200 -22.82 -7.92 -5.30
N PHE A 201 -23.11 -7.36 -6.46
CA PHE A 201 -24.03 -7.97 -7.43
C PHE A 201 -23.15 -8.52 -8.55
N ILE A 202 -22.81 -9.80 -8.44
CA ILE A 202 -21.82 -10.42 -9.30
C ILE A 202 -22.37 -11.72 -9.86
N ILE A 203 -21.86 -12.07 -11.04
CA ILE A 203 -22.29 -13.26 -11.82
C ILE A 203 -21.54 -14.46 -11.24
N GLU A 204 -22.20 -15.34 -10.50
CA GLU A 204 -21.48 -16.48 -9.91
C GLU A 204 -20.90 -17.34 -11.03
N LYS A 205 -21.76 -17.99 -11.80
CA LYS A 205 -21.31 -18.84 -12.91
C LYS A 205 -21.58 -18.05 -14.16
N GLN A 206 -20.56 -17.62 -14.86
CA GLN A 206 -20.84 -16.75 -16.02
C GLN A 206 -21.18 -17.60 -17.19
N PRO A 207 -21.95 -17.09 -18.16
CA PRO A 207 -22.46 -17.87 -19.25
C PRO A 207 -21.32 -18.13 -20.22
N PRO A 208 -21.38 -19.22 -21.01
CA PRO A 208 -20.21 -19.79 -21.60
C PRO A 208 -20.03 -18.94 -22.84
N GLN A 209 -18.87 -18.32 -22.95
CA GLN A 209 -18.48 -17.54 -24.12
C GLN A 209 -18.40 -18.45 -25.34
N VAL A 210 -18.32 -17.83 -26.52
CA VAL A 210 -18.41 -18.54 -27.80
C VAL A 210 -19.71 -19.34 -27.80
N LEU A 211 -20.84 -18.66 -27.97
CA LEU A 211 -22.15 -19.28 -28.04
C LEU A 211 -22.80 -18.98 -29.38
N LYS A 212 -23.57 -19.96 -29.87
CA LYS A 212 -24.33 -19.79 -31.09
C LYS A 212 -25.74 -19.31 -30.75
N THR A 213 -26.42 -18.74 -31.75
CA THR A 213 -27.81 -18.41 -31.60
C THR A 213 -28.65 -19.69 -31.51
N GLN A 214 -29.87 -19.55 -30.99
CA GLN A 214 -30.87 -20.60 -30.85
C GLN A 214 -30.47 -21.67 -29.85
N THR A 215 -29.32 -21.57 -29.20
CA THR A 215 -28.86 -22.58 -28.26
C THR A 215 -29.13 -22.11 -26.84
N LYS A 216 -29.63 -23.03 -26.02
CA LYS A 216 -29.93 -22.71 -24.63
C LYS A 216 -28.64 -22.67 -23.82
N PHE A 217 -28.49 -21.60 -23.03
CA PHE A 217 -27.33 -21.42 -22.17
C PHE A 217 -27.82 -20.95 -20.81
N ALA A 218 -26.94 -20.95 -19.82
CA ALA A 218 -27.43 -20.51 -18.50
C ALA A 218 -26.33 -19.78 -17.75
N ALA A 219 -26.74 -18.88 -16.89
CA ALA A 219 -25.82 -18.11 -16.02
C ALA A 219 -26.49 -17.90 -14.67
N THR A 220 -25.71 -17.70 -13.63
CA THR A 220 -26.25 -17.48 -12.29
C THR A 220 -25.58 -16.27 -11.68
N VAL A 221 -26.40 -15.33 -11.20
CA VAL A 221 -25.94 -14.10 -10.56
C VAL A 221 -26.28 -14.19 -9.08
N ARG A 222 -25.57 -13.42 -8.26
CA ARG A 222 -25.68 -13.57 -6.82
C ARG A 222 -25.59 -12.22 -6.13
N LEU A 223 -26.25 -12.12 -4.97
CA LEU A 223 -26.11 -10.97 -4.07
C LEU A 223 -25.45 -11.49 -2.79
N LEU A 224 -24.18 -11.12 -2.59
CA LEU A 224 -23.42 -11.66 -1.46
C LEU A 224 -23.96 -11.16 -0.13
N VAL A 225 -24.42 -9.90 -0.09
CA VAL A 225 -24.94 -9.32 1.16
C VAL A 225 -26.42 -9.63 1.35
N GLY A 226 -27.06 -10.24 0.35
CA GLY A 226 -28.51 -10.37 0.35
C GLY A 226 -29.10 -11.04 1.58
N GLY A 227 -28.35 -11.94 2.21
CA GLY A 227 -28.90 -12.69 3.34
C GLY A 227 -29.54 -11.80 4.40
N LYS A 228 -28.88 -10.71 4.76
CA LYS A 228 -29.39 -9.71 5.67
C LYS A 228 -29.77 -8.45 4.88
N LEU A 229 -29.64 -7.27 5.50
CA LEU A 229 -29.86 -5.98 4.86
C LEU A 229 -31.29 -5.80 4.34
N ASN A 230 -32.14 -6.80 4.58
CA ASN A 230 -33.56 -6.78 4.21
C ASN A 230 -33.75 -6.50 2.72
N VAL A 231 -32.98 -7.18 1.89
CA VAL A 231 -33.22 -7.21 0.44
C VAL A 231 -34.07 -8.41 0.06
N HIS A 232 -33.82 -9.51 0.77
CA HIS A 232 -34.53 -10.78 0.57
C HIS A 232 -36.03 -10.66 0.79
N MET A 233 -36.48 -9.69 1.60
CA MET A 233 -37.90 -9.61 1.95
C MET A 233 -38.77 -9.48 0.71
N ASN A 234 -38.30 -8.76 -0.30
CA ASN A 234 -38.98 -8.65 -1.59
C ASN A 234 -37.92 -8.96 -2.64
N PRO A 235 -37.70 -10.24 -2.93
CA PRO A 235 -36.70 -10.66 -3.93
C PRO A 235 -36.96 -10.05 -5.29
N PRO A 236 -36.06 -9.17 -5.74
CA PRO A 236 -36.31 -8.38 -6.94
C PRO A 236 -36.17 -9.21 -8.21
N GLN A 237 -36.77 -8.69 -9.28
CA GLN A 237 -36.60 -9.26 -10.60
C GLN A 237 -35.32 -8.72 -11.24
N VAL A 238 -34.56 -9.63 -11.85
CA VAL A 238 -33.33 -9.31 -12.57
C VAL A 238 -33.53 -9.65 -14.04
N LYS A 239 -33.14 -8.71 -14.90
CA LYS A 239 -33.30 -8.84 -16.34
C LYS A 239 -31.94 -8.91 -17.01
N ALA A 240 -31.79 -9.86 -17.93
CA ALA A 240 -30.57 -10.05 -18.69
C ALA A 240 -30.79 -9.64 -20.13
N THR A 241 -29.81 -8.94 -20.70
CA THR A 241 -29.89 -8.49 -22.08
C THR A 241 -28.48 -8.41 -22.64
N ILE A 242 -28.34 -8.69 -23.94
CA ILE A 242 -27.03 -8.76 -24.58
C ILE A 242 -26.75 -7.44 -25.28
N ILE A 243 -25.57 -6.86 -25.04
CA ILE A 243 -25.20 -5.58 -25.59
C ILE A 243 -23.80 -5.65 -26.19
N SER A 244 -23.55 -4.78 -27.17
CA SER A 244 -22.29 -4.76 -27.89
C SER A 244 -21.17 -4.24 -26.98
N GLU A 245 -19.95 -4.24 -27.53
CA GLU A 245 -18.81 -3.71 -26.79
C GLU A 245 -18.88 -2.19 -26.67
N GLN A 246 -19.22 -1.50 -27.77
CA GLN A 246 -19.38 -0.06 -27.69
C GLN A 246 -20.52 0.32 -26.76
N GLN A 247 -21.58 -0.51 -26.74
CA GLN A 247 -22.68 -0.27 -25.82
C GLN A 247 -22.23 -0.40 -24.37
N ALA A 248 -21.44 -1.43 -24.05
CA ALA A 248 -20.93 -1.60 -22.69
C ALA A 248 -20.01 -0.46 -22.30
N LYS A 249 -19.12 -0.05 -23.21
CA LYS A 249 -18.23 1.07 -22.94
C LYS A 249 -19.03 2.34 -22.64
N SER A 250 -20.03 2.64 -23.47
CA SER A 250 -20.82 3.85 -23.26
C SER A 250 -21.67 3.75 -21.99
N LEU A 251 -22.17 2.56 -21.68
CA LEU A 251 -23.01 2.39 -20.49
C LEU A 251 -22.19 2.57 -19.22
N LEU A 252 -20.93 2.12 -19.23
CA LEU A 252 -20.10 2.31 -18.05
C LEU A 252 -19.79 3.78 -17.82
N LYS A 253 -19.85 4.59 -18.89
CA LYS A 253 -19.80 6.04 -18.81
C LYS A 253 -21.20 6.64 -18.59
N ASN A 254 -22.21 5.80 -18.39
CA ASN A 254 -23.59 6.21 -18.13
C ASN A 254 -24.14 7.08 -19.25
N GLU A 255 -24.19 6.49 -20.45
CA GLU A 255 -24.93 7.03 -21.58
C GLU A 255 -26.29 6.33 -21.64
N ASN A 256 -26.97 6.44 -22.78
CA ASN A 256 -28.30 5.86 -22.92
C ASN A 256 -28.50 5.38 -24.35
N THR A 257 -28.95 4.14 -24.52
CA THR A 257 -29.14 3.57 -25.85
C THR A 257 -30.22 2.48 -25.88
N TYR A 261 -30.16 -3.68 -26.12
CA TYR A 261 -30.69 -3.01 -27.29
C TYR A 261 -29.66 -2.97 -28.41
N SER A 262 -28.46 -3.49 -28.10
CA SER A 262 -27.37 -3.59 -29.06
C SER A 262 -27.15 -5.01 -29.56
N GLY A 263 -28.07 -5.92 -29.24
CA GLY A 263 -27.96 -7.30 -29.68
C GLY A 263 -29.30 -8.01 -29.69
N GLU A 264 -30.34 -7.27 -30.04
CA GLU A 264 -31.68 -7.80 -30.30
C GLU A 264 -32.21 -8.50 -29.04
N ILE A 265 -33.12 -9.45 -29.22
CA ILE A 265 -33.93 -10.00 -28.14
C ILE A 265 -33.21 -11.16 -27.48
N LEU A 266 -33.45 -11.31 -26.18
CA LEU A 266 -33.00 -12.43 -25.38
C LEU A 266 -34.24 -13.13 -24.81
N ASN A 267 -34.15 -14.44 -24.62
CA ASN A 267 -35.36 -15.22 -24.35
C ASN A 267 -35.89 -15.03 -22.94
N ASN A 268 -35.02 -14.78 -21.95
CA ASN A 268 -35.45 -14.89 -20.55
C ASN A 268 -35.10 -13.64 -19.74
N CYS A 269 -35.50 -13.73 -18.46
CA CYS A 269 -35.45 -12.72 -17.40
C CYS A 269 -36.12 -13.41 -16.22
N CYS A 270 -35.66 -13.19 -14.99
CA CYS A 270 -36.19 -14.00 -13.89
C CYS A 270 -36.19 -13.22 -12.59
N VAL A 271 -36.61 -13.90 -11.52
CA VAL A 271 -36.62 -13.33 -10.18
C VAL A 271 -35.66 -14.13 -9.31
N MET A 272 -35.20 -13.48 -8.23
CA MET A 272 -34.23 -14.10 -7.33
C MET A 272 -34.91 -15.06 -6.36
N GLU A 273 -34.10 -15.97 -5.81
CA GLU A 273 -34.52 -16.97 -4.85
C GLU A 273 -33.55 -17.02 -3.69
N TYR A 274 -34.08 -17.32 -2.51
CA TYR A 274 -33.32 -17.36 -1.26
C TYR A 274 -33.35 -18.79 -0.73
N HIS A 275 -32.17 -19.39 -0.60
CA HIS A 275 -32.00 -20.67 0.08
C HIS A 275 -31.62 -20.39 1.53
N GLN A 276 -32.55 -20.68 2.46
CA GLN A 276 -32.29 -20.43 3.88
C GLN A 276 -31.16 -21.28 4.41
N ALA A 277 -31.08 -22.54 3.96
CA ALA A 277 -30.01 -23.42 4.43
C ALA A 277 -28.65 -22.90 3.97
N THR A 278 -28.46 -22.77 2.66
CA THR A 278 -27.29 -22.08 2.14
C THR A 278 -27.29 -20.60 2.54
N GLY A 279 -28.48 -20.04 2.78
CA GLY A 279 -28.60 -18.63 3.14
C GLY A 279 -28.14 -17.71 2.03
N THR A 280 -28.51 -18.03 0.79
CA THR A 280 -28.02 -17.33 -0.39
C THR A 280 -29.17 -16.70 -1.16
N LEU A 281 -28.92 -15.52 -1.74
CA LEU A 281 -29.86 -14.85 -2.64
C LEU A 281 -29.23 -14.87 -4.03
N SER A 282 -29.86 -15.62 -4.95
CA SER A 282 -29.27 -15.84 -6.26
C SER A 282 -30.36 -15.87 -7.32
N ALA A 283 -29.96 -15.55 -8.55
CA ALA A 283 -30.81 -15.62 -9.72
C ALA A 283 -30.23 -16.66 -10.68
N HIS A 284 -31.01 -17.70 -10.95
CA HIS A 284 -30.61 -18.81 -11.81
C HIS A 284 -31.32 -18.66 -13.15
N PHE A 285 -30.57 -18.33 -14.20
CA PHE A 285 -31.07 -18.32 -15.57
C PHE A 285 -30.64 -19.63 -16.22
N ARG A 286 -31.52 -20.62 -16.21
CA ARG A 286 -31.17 -21.96 -16.67
C ARG A 286 -31.57 -22.21 -18.12
N ASN A 287 -32.40 -21.35 -18.71
CA ASN A 287 -32.97 -21.62 -20.03
C ASN A 287 -32.99 -20.37 -20.90
N MET A 288 -31.95 -19.55 -20.83
CA MET A 288 -31.87 -18.43 -21.77
C MET A 288 -31.52 -18.93 -23.15
N SER A 289 -32.09 -18.30 -24.17
CA SER A 289 -31.80 -18.66 -25.55
C SER A 289 -31.66 -17.40 -26.39
N LEU A 290 -30.60 -17.35 -27.18
CA LEU A 290 -30.32 -16.19 -28.03
C LEU A 290 -30.96 -16.47 -29.39
N LYS A 291 -31.88 -15.60 -29.82
CA LYS A 291 -32.56 -15.82 -31.08
C LYS A 291 -32.21 -14.81 -32.18
N ARG A 292 -31.72 -13.62 -31.83
CA ARG A 292 -31.35 -12.65 -32.85
C ARG A 292 -30.15 -11.86 -32.36
N ILE A 293 -29.48 -11.17 -33.30
CA ILE A 293 -28.28 -10.41 -32.99
C ILE A 293 -28.09 -9.38 -34.09
N LYS A 294 -27.69 -8.17 -33.68
CA LYS A 294 -27.55 -7.05 -34.61
C LYS A 294 -26.38 -7.23 -35.56
N ARG A 295 -25.17 -6.96 -35.06
CA ARG A 295 -23.94 -7.03 -35.85
C ARG A 295 -23.95 -6.02 -36.99
N GLU A 302 -14.94 -5.69 -36.29
CA GLU A 302 -14.33 -5.78 -37.62
C GLU A 302 -14.72 -7.09 -38.31
N SER A 303 -14.24 -8.21 -37.77
CA SER A 303 -14.48 -9.53 -38.37
C SER A 303 -15.81 -10.10 -37.88
N VAL A 304 -16.33 -11.07 -38.65
CA VAL A 304 -17.57 -11.76 -38.33
C VAL A 304 -17.51 -12.48 -37.00
N THR A 305 -16.32 -12.65 -36.44
CA THR A 305 -16.02 -13.52 -35.32
C THR A 305 -15.17 -12.89 -34.23
N GLU A 306 -14.34 -11.89 -34.55
CA GLU A 306 -13.54 -11.22 -33.54
C GLU A 306 -14.39 -10.35 -32.63
N GLU A 307 -15.45 -9.73 -33.17
CA GLU A 307 -16.26 -8.79 -32.40
C GLU A 307 -16.94 -9.50 -31.23
N LYS A 308 -16.77 -8.93 -30.04
CA LYS A 308 -17.27 -9.50 -28.79
C LYS A 308 -18.42 -8.67 -28.23
N PHE A 309 -19.33 -9.36 -27.55
CA PHE A 309 -20.49 -8.78 -26.88
C PHE A 309 -20.40 -9.08 -25.38
N THR A 310 -21.42 -8.66 -24.63
CA THR A 310 -21.50 -9.01 -23.23
C THR A 310 -22.95 -9.11 -22.78
N ILE A 311 -23.19 -10.00 -21.82
CA ILE A 311 -24.51 -10.14 -21.21
C ILE A 311 -24.56 -9.25 -19.98
N LEU A 312 -25.52 -8.33 -19.97
CA LEU A 312 -25.72 -7.39 -18.87
C LEU A 312 -26.89 -7.86 -18.02
N PHE A 313 -26.65 -7.99 -16.72
CA PHE A 313 -27.69 -8.32 -15.76
C PHE A 313 -27.98 -7.07 -14.94
N GLU A 314 -29.25 -6.71 -14.81
CA GLU A 314 -29.57 -5.55 -14.00
C GLU A 314 -30.81 -5.81 -13.16
N SER A 315 -30.82 -5.19 -11.98
CA SER A 315 -31.93 -5.33 -11.04
C SER A 315 -32.02 -4.05 -10.20
N GLN A 316 -33.04 -4.02 -9.34
CA GLN A 316 -33.27 -2.91 -8.43
C GLN A 316 -33.91 -3.46 -7.16
N PHE A 317 -33.49 -2.95 -6.01
CA PHE A 317 -34.11 -3.43 -4.78
C PHE A 317 -34.06 -2.39 -3.68
N SER A 318 -34.90 -2.60 -2.68
CA SER A 318 -35.04 -1.75 -1.51
C SER A 318 -34.50 -2.46 -0.28
N VAL A 319 -34.11 -1.68 0.72
CA VAL A 319 -33.54 -2.20 1.95
C VAL A 319 -34.50 -1.85 3.08
N GLY A 320 -35.21 -2.87 3.56
CA GLY A 320 -36.13 -2.74 4.68
C GLY A 320 -37.25 -1.75 4.40
N GLY A 321 -37.67 -1.06 5.45
CA GLY A 321 -38.74 -0.09 5.37
C GLY A 321 -38.38 1.27 4.82
N ASN A 322 -37.22 1.39 4.16
CA ASN A 322 -36.77 2.68 3.67
C ASN A 322 -37.13 2.90 2.20
N GLU A 323 -37.24 4.17 1.83
CA GLU A 323 -37.31 4.61 0.44
C GLU A 323 -36.02 4.33 -0.32
N LEU A 324 -34.98 3.84 0.36
CA LEU A 324 -33.67 3.60 -0.22
C LEU A 324 -33.76 2.50 -1.27
N VAL A 325 -33.70 2.89 -2.54
CA VAL A 325 -33.79 1.96 -3.67
C VAL A 325 -32.46 2.01 -4.42
N PHE A 326 -31.88 0.84 -4.65
CA PHE A 326 -30.61 0.68 -5.33
C PHE A 326 -30.85 0.08 -6.71
N GLN A 327 -30.36 0.77 -7.74
CA GLN A 327 -30.32 0.27 -9.10
C GLN A 327 -28.93 -0.31 -9.32
N VAL A 328 -28.85 -1.61 -9.58
CA VAL A 328 -27.56 -2.27 -9.69
C VAL A 328 -27.49 -2.99 -11.02
N LYS A 329 -26.27 -3.05 -11.56
CA LYS A 329 -26.01 -3.66 -12.85
C LYS A 329 -24.67 -4.37 -12.78
N THR A 330 -24.53 -5.40 -13.61
CA THR A 330 -23.28 -6.14 -13.71
C THR A 330 -23.12 -6.63 -15.14
N LEU A 331 -21.86 -6.83 -15.53
CA LEU A 331 -21.49 -7.14 -16.91
C LEU A 331 -20.78 -8.48 -16.95
N SER A 332 -21.17 -9.34 -17.86
CA SER A 332 -20.43 -10.60 -17.92
C SER A 332 -19.08 -10.30 -18.58
N LEU A 333 -18.08 -11.16 -18.36
CA LEU A 333 -16.78 -11.05 -19.10
C LEU A 333 -17.17 -11.27 -20.55
N PRO A 334 -16.51 -10.62 -21.71
CA PRO A 334 -16.86 -10.54 -23.13
C PRO A 334 -17.26 -11.90 -23.70
N VAL A 335 -18.27 -11.87 -24.57
CA VAL A 335 -18.86 -13.06 -25.16
C VAL A 335 -18.83 -12.89 -26.67
N VAL A 336 -18.58 -13.98 -27.38
CA VAL A 336 -18.55 -13.94 -28.83
C VAL A 336 -19.70 -14.78 -29.36
N VAL A 337 -20.24 -14.36 -30.49
CA VAL A 337 -21.46 -14.93 -31.06
C VAL A 337 -21.08 -15.56 -32.38
N ILE A 338 -21.33 -16.85 -32.52
CA ILE A 338 -20.88 -17.61 -33.67
C ILE A 338 -22.02 -17.73 -34.68
N VAL A 339 -21.67 -17.64 -35.95
CA VAL A 339 -22.65 -17.80 -37.01
C VAL A 339 -22.96 -19.28 -37.23
N HIS A 340 -21.91 -20.09 -37.37
CA HIS A 340 -22.03 -21.53 -37.53
C HIS A 340 -20.74 -22.14 -36.99
N GLY A 341 -20.80 -23.44 -36.67
CA GLY A 341 -19.68 -24.08 -36.00
C GLY A 341 -18.37 -23.98 -36.75
N SER A 342 -18.44 -23.78 -38.07
CA SER A 342 -17.22 -23.70 -38.88
C SER A 342 -16.27 -22.63 -38.37
N GLN A 343 -16.80 -21.50 -37.93
CA GLN A 343 -16.00 -20.41 -37.42
C GLN A 343 -15.68 -20.54 -35.94
N ASP A 344 -16.34 -21.46 -35.22
CA ASP A 344 -16.19 -21.52 -33.77
C ASP A 344 -14.73 -21.76 -33.40
N ASN A 345 -14.04 -22.61 -34.15
CA ASN A 345 -12.65 -22.95 -33.84
C ASN A 345 -11.80 -21.69 -33.78
N ASN A 346 -12.08 -20.72 -34.65
CA ASN A 346 -11.32 -19.48 -34.64
C ASN A 346 -11.77 -18.54 -33.52
N ALA A 347 -13.08 -18.50 -33.25
CA ALA A 347 -13.62 -17.51 -32.32
C ALA A 347 -13.04 -17.66 -30.92
N THR A 348 -12.82 -18.90 -30.47
CA THR A 348 -12.25 -19.11 -29.15
C THR A 348 -10.92 -18.39 -29.02
N ALA A 349 -10.14 -18.32 -30.12
CA ALA A 349 -8.89 -17.58 -30.08
C ALA A 349 -9.10 -16.18 -29.52
N THR A 350 -10.10 -15.46 -30.04
CA THR A 350 -10.40 -14.13 -29.52
C THR A 350 -10.62 -14.20 -28.01
N VAL A 351 -11.49 -15.11 -27.57
CA VAL A 351 -11.76 -15.25 -26.14
C VAL A 351 -10.46 -15.56 -25.41
N LEU A 352 -9.64 -16.46 -25.97
CA LEU A 352 -8.40 -16.83 -25.31
C LEU A 352 -7.55 -15.61 -25.00
N TRP A 353 -7.49 -14.65 -25.92
CA TRP A 353 -6.69 -13.47 -25.65
C TRP A 353 -7.31 -12.64 -24.53
N ASP A 354 -8.62 -12.40 -24.59
CA ASP A 354 -9.26 -11.51 -23.62
C ASP A 354 -9.01 -12.02 -22.20
N ASN A 355 -9.49 -13.23 -21.90
CA ASN A 355 -9.28 -13.81 -20.59
C ASN A 355 -7.82 -13.80 -20.20
N ALA A 356 -6.92 -14.01 -21.17
CA ALA A 356 -5.51 -14.06 -20.83
C ALA A 356 -4.96 -12.68 -20.54
N PHE A 357 -5.36 -11.66 -21.30
CA PHE A 357 -4.62 -10.40 -21.30
C PHE A 357 -5.49 -9.20 -20.94
N ALA A 358 -6.65 -9.41 -20.33
CA ALA A 358 -7.47 -8.29 -19.90
C ALA A 358 -6.79 -7.56 -18.73
N GLU A 359 -6.71 -6.23 -18.83
CA GLU A 359 -6.12 -5.44 -17.77
C GLU A 359 -7.07 -5.38 -16.57
N PRO A 360 -6.54 -5.09 -15.37
CA PRO A 360 -7.43 -5.06 -14.19
C PRO A 360 -8.43 -3.92 -14.22
N GLY A 361 -8.00 -2.71 -14.56
CA GLY A 361 -8.94 -1.60 -14.62
C GLY A 361 -9.26 -1.24 -16.06
N ARG A 362 -9.39 -2.27 -16.88
CA ARG A 362 -9.59 -2.08 -18.32
C ARG A 362 -10.93 -1.40 -18.59
N VAL A 363 -10.91 -0.43 -19.50
CA VAL A 363 -12.15 -0.06 -20.19
C VAL A 363 -12.68 -1.28 -20.94
N PRO A 364 -14.00 -1.55 -20.94
CA PRO A 364 -14.53 -2.83 -21.41
C PRO A 364 -13.96 -3.38 -22.71
N PHE A 365 -13.33 -4.56 -22.60
CA PHE A 365 -12.92 -5.39 -23.73
C PHE A 365 -11.78 -4.73 -24.50
N ALA A 366 -10.80 -4.19 -23.78
CA ALA A 366 -9.60 -3.63 -24.36
C ALA A 366 -8.44 -4.55 -24.02
N VAL A 367 -7.77 -5.07 -25.05
CA VAL A 367 -6.70 -6.04 -24.85
C VAL A 367 -5.43 -5.51 -25.52
N PRO A 368 -4.26 -5.85 -25.01
CA PRO A 368 -3.03 -5.36 -25.63
C PRO A 368 -2.80 -6.08 -26.96
N ASP A 369 -2.14 -5.39 -27.90
CA ASP A 369 -1.78 -5.99 -29.18
C ASP A 369 -0.36 -6.57 -29.17
N LYS A 370 0.38 -6.37 -28.07
CA LYS A 370 1.79 -6.70 -28.00
C LYS A 370 2.03 -8.11 -27.46
N VAL A 371 1.91 -8.28 -26.14
CA VAL A 371 2.12 -9.47 -25.30
C VAL A 371 3.46 -10.16 -25.57
N LEU A 372 4.17 -10.47 -24.48
CA LEU A 372 5.44 -11.17 -24.56
C LEU A 372 5.19 -12.68 -24.68
N TRP A 373 6.21 -13.38 -25.20
CA TRP A 373 6.03 -14.79 -25.51
C TRP A 373 5.72 -15.65 -24.29
N PRO A 374 6.45 -15.57 -23.17
CA PRO A 374 6.11 -16.44 -22.03
C PRO A 374 4.72 -16.20 -21.47
N GLN A 375 4.23 -14.97 -21.53
CA GLN A 375 2.86 -14.69 -21.09
C GLN A 375 1.86 -15.47 -21.93
N LEU A 376 2.06 -15.51 -23.26
CA LEU A 376 1.22 -16.32 -24.12
C LEU A 376 1.43 -17.80 -23.87
N CYS A 377 2.65 -18.18 -23.48
CA CYS A 377 2.96 -19.58 -23.20
C CYS A 377 2.14 -20.09 -22.03
N GLU A 378 2.02 -19.28 -20.98
CA GLU A 378 1.25 -19.71 -19.82
C GLU A 378 -0.20 -20.01 -20.19
N ALA A 379 -0.80 -19.14 -20.99
CA ALA A 379 -2.19 -19.33 -21.40
C ALA A 379 -2.34 -20.53 -22.33
N LEU A 380 -1.43 -20.67 -23.32
CA LEU A 380 -1.48 -21.81 -24.22
C LEU A 380 -1.34 -23.13 -23.46
N ASN A 381 -0.39 -23.18 -22.51
CA ASN A 381 -0.18 -24.38 -21.72
C ASN A 381 -1.41 -24.72 -20.87
N MET A 382 -1.96 -23.71 -20.20
CA MET A 382 -3.15 -23.91 -19.38
C MET A 382 -4.30 -24.47 -20.20
N LYS A 383 -4.66 -23.78 -21.30
CA LYS A 383 -5.78 -24.24 -22.12
C LYS A 383 -5.47 -25.59 -22.78
N PHE A 384 -4.19 -25.90 -23.01
CA PHE A 384 -3.84 -27.19 -23.59
C PHE A 384 -4.13 -28.32 -22.61
N LYS A 385 -3.59 -28.23 -21.39
CA LYS A 385 -3.91 -29.26 -20.40
C LYS A 385 -5.42 -29.37 -20.19
N ALA A 386 -6.13 -28.24 -20.28
CA ALA A 386 -7.58 -28.30 -20.12
C ALA A 386 -8.24 -29.07 -21.26
N GLU A 387 -7.89 -28.73 -22.51
CA GLU A 387 -8.58 -29.32 -23.66
C GLU A 387 -8.27 -30.80 -23.81
N VAL A 388 -7.01 -31.21 -23.64
CA VAL A 388 -6.68 -32.62 -23.81
C VAL A 388 -7.08 -33.47 -22.62
N GLN A 389 -7.50 -32.86 -21.52
CA GLN A 389 -7.95 -33.55 -20.31
C GLN A 389 -6.86 -34.47 -19.76
N SER A 390 -5.71 -33.88 -19.47
CA SER A 390 -4.57 -34.62 -18.93
C SER A 390 -3.68 -33.66 -18.16
N ASN A 391 -2.82 -34.24 -17.32
CA ASN A 391 -1.84 -33.49 -16.57
C ASN A 391 -0.47 -33.49 -17.22
N ARG A 392 -0.37 -34.02 -18.45
CA ARG A 392 0.88 -33.97 -19.20
C ARG A 392 1.25 -32.53 -19.51
N GLY A 393 0.44 -31.85 -20.32
CA GLY A 393 0.67 -30.45 -20.60
C GLY A 393 1.91 -30.20 -21.44
N LEU A 394 2.26 -28.93 -21.51
CA LEU A 394 3.39 -28.46 -22.30
C LEU A 394 4.66 -28.40 -21.47
N THR A 395 5.72 -29.02 -21.97
CA THR A 395 7.03 -28.98 -21.35
C THR A 395 7.94 -28.00 -22.10
N LYS A 396 9.13 -27.78 -21.53
CA LYS A 396 10.05 -26.77 -22.07
C LYS A 396 10.40 -27.07 -23.53
N GLU A 397 10.69 -28.33 -23.85
CA GLU A 397 11.05 -28.69 -25.22
C GLU A 397 9.91 -28.40 -26.18
N ASN A 398 8.69 -28.78 -25.81
CA ASN A 398 7.52 -28.39 -26.59
C ASN A 398 7.49 -26.88 -26.79
N LEU A 399 7.74 -26.12 -25.72
CA LEU A 399 7.64 -24.66 -25.82
C LEU A 399 8.65 -24.10 -26.80
N VAL A 400 9.87 -24.65 -26.79
CA VAL A 400 10.85 -24.21 -27.79
C VAL A 400 10.39 -24.59 -29.19
N PHE A 401 9.73 -25.76 -29.32
CA PHE A 401 9.22 -26.15 -30.63
C PHE A 401 8.22 -25.13 -31.16
N LEU A 402 7.24 -24.75 -30.35
CA LEU A 402 6.27 -23.76 -30.81
C LEU A 402 6.92 -22.39 -31.00
N ALA A 403 7.93 -22.05 -30.21
CA ALA A 403 8.63 -20.77 -30.40
C ALA A 403 9.31 -20.73 -31.76
N GLN A 404 10.01 -21.82 -32.12
CA GLN A 404 10.62 -21.92 -33.44
C GLN A 404 9.56 -21.94 -34.54
N LYS A 405 8.37 -22.45 -34.23
CA LYS A 405 7.29 -22.44 -35.22
C LYS A 405 6.79 -21.02 -35.48
N LEU A 406 6.61 -20.23 -34.42
CA LEU A 406 6.07 -18.88 -34.56
C LEU A 406 7.10 -17.96 -35.18
N PHE A 407 8.13 -17.59 -34.41
CA PHE A 407 9.23 -16.79 -34.94
C PHE A 407 10.19 -17.72 -35.69
N ASN A 408 10.22 -17.61 -37.02
CA ASN A 408 11.21 -18.40 -37.75
C ASN A 408 12.57 -17.92 -37.27
N ASN A 409 13.13 -18.62 -36.29
CA ASN A 409 14.38 -18.22 -35.66
C ASN A 409 15.10 -19.44 -35.14
N SER A 410 16.37 -19.56 -35.51
CA SER A 410 17.22 -20.72 -35.24
C SER A 410 17.74 -20.67 -33.81
N SER A 411 16.94 -21.18 -32.87
CA SER A 411 17.34 -21.26 -31.47
C SER A 411 16.65 -22.45 -30.82
N SER A 412 17.40 -23.25 -30.05
CA SER A 412 16.81 -24.38 -29.35
C SER A 412 16.85 -24.24 -27.83
N HIS A 413 16.90 -23.01 -27.33
CA HIS A 413 16.87 -22.76 -25.89
C HIS A 413 15.73 -21.82 -25.57
N LEU A 414 14.96 -22.14 -24.53
CA LEU A 414 13.79 -21.34 -24.17
C LEU A 414 14.18 -19.92 -23.79
N GLU A 415 15.32 -19.75 -23.09
CA GLU A 415 15.68 -18.43 -22.59
C GLU A 415 15.99 -17.44 -23.71
N ASP A 416 16.33 -17.93 -24.92
CA ASP A 416 16.52 -17.01 -26.04
C ASP A 416 15.20 -16.38 -26.47
N TYR A 417 14.08 -17.05 -26.21
CA TYR A 417 12.76 -16.53 -26.50
C TYR A 417 12.10 -15.89 -25.28
N SER A 418 12.90 -15.54 -24.26
CA SER A 418 12.34 -14.95 -23.05
C SER A 418 11.76 -13.57 -23.32
N GLY A 419 12.30 -12.85 -24.30
CA GLY A 419 11.70 -11.61 -24.74
C GLY A 419 10.69 -11.88 -25.84
N LEU A 420 10.76 -11.09 -26.93
CA LEU A 420 9.94 -11.30 -28.11
C LEU A 420 8.46 -11.03 -27.86
N SER A 421 7.84 -10.22 -28.72
CA SER A 421 6.45 -9.85 -28.58
C SER A 421 5.66 -10.50 -29.70
N VAL A 422 4.59 -11.20 -29.34
CA VAL A 422 3.75 -11.89 -30.31
C VAL A 422 2.55 -10.99 -30.58
N SER A 423 2.60 -10.26 -31.68
CA SER A 423 1.47 -9.43 -32.07
C SER A 423 0.25 -10.31 -32.29
N TRP A 424 -0.93 -9.74 -32.05
CA TRP A 424 -2.15 -10.51 -32.25
C TRP A 424 -2.27 -11.01 -33.68
N SER A 425 -1.87 -10.18 -34.65
CA SER A 425 -1.94 -10.57 -36.05
C SER A 425 -1.13 -11.84 -36.31
N GLN A 426 0.17 -11.82 -35.99
CA GLN A 426 0.98 -13.01 -36.16
C GLN A 426 0.47 -14.18 -35.33
N PHE A 427 -0.36 -13.91 -34.31
CA PHE A 427 -0.99 -15.01 -33.58
C PHE A 427 -2.15 -15.60 -34.37
N ASN A 428 -3.01 -14.75 -34.94
CA ASN A 428 -4.24 -15.25 -35.54
C ASN A 428 -4.68 -14.50 -36.80
N ARG A 429 -3.84 -13.64 -37.37
CA ARG A 429 -4.26 -12.94 -38.58
C ARG A 429 -3.29 -13.13 -39.74
N GLU A 430 -1.99 -13.21 -39.46
CA GLU A 430 -1.00 -13.42 -40.51
C GLU A 430 -0.62 -14.89 -40.56
N ASN A 431 -0.65 -15.46 -41.77
CA ASN A 431 -0.30 -16.85 -41.96
C ASN A 431 1.19 -17.07 -41.70
N LEU A 432 1.54 -18.30 -41.35
CA LEU A 432 2.92 -18.67 -41.09
C LEU A 432 3.68 -18.73 -42.41
N PRO A 433 4.97 -19.12 -42.44
CA PRO A 433 5.60 -19.39 -43.74
C PRO A 433 4.89 -20.48 -44.54
N GLY A 434 4.07 -21.29 -43.90
CA GLY A 434 3.15 -22.16 -44.59
C GLY A 434 1.88 -21.40 -44.92
N ARG A 435 0.79 -22.15 -45.05
CA ARG A 435 -0.53 -21.57 -45.28
C ARG A 435 -1.52 -21.91 -44.18
N ASN A 436 -1.05 -22.46 -43.06
CA ASN A 436 -1.93 -22.78 -41.93
C ASN A 436 -2.53 -21.49 -41.36
N TYR A 437 -3.83 -21.53 -41.05
CA TYR A 437 -4.57 -20.34 -40.66
C TYR A 437 -3.97 -19.70 -39.41
N THR A 438 -2.72 -19.24 -39.54
CA THR A 438 -1.93 -18.59 -38.50
C THR A 438 -1.51 -19.60 -37.43
N PHE A 439 -0.72 -19.14 -36.45
CA PHE A 439 -0.19 -20.03 -35.43
C PHE A 439 -1.30 -20.65 -34.59
N TRP A 440 -2.39 -19.92 -34.37
CA TRP A 440 -3.46 -20.43 -33.51
C TRP A 440 -4.16 -21.62 -34.13
N GLN A 441 -4.42 -21.58 -35.45
CA GLN A 441 -5.19 -22.66 -36.07
C GLN A 441 -4.47 -24.00 -35.98
N TRP A 442 -3.16 -24.00 -36.19
CA TRP A 442 -2.39 -25.25 -36.07
C TRP A 442 -2.45 -25.81 -34.65
N PHE A 443 -2.27 -24.94 -33.66
CA PHE A 443 -2.28 -25.37 -32.27
C PHE A 443 -3.67 -25.83 -31.84
N ASP A 444 -4.72 -25.11 -32.25
CA ASP A 444 -6.07 -25.58 -32.00
C ASP A 444 -6.36 -26.88 -32.74
N GLY A 445 -5.73 -27.09 -33.90
CA GLY A 445 -5.91 -28.33 -34.63
C GLY A 445 -5.34 -29.52 -33.88
N VAL A 446 -4.12 -29.37 -33.37
CA VAL A 446 -3.55 -30.46 -32.56
C VAL A 446 -4.37 -30.66 -31.29
N MET A 447 -4.83 -29.58 -30.66
CA MET A 447 -5.73 -29.70 -29.52
C MET A 447 -6.96 -30.53 -29.88
N GLU A 448 -7.60 -30.22 -31.00
CA GLU A 448 -8.84 -30.89 -31.36
C GLU A 448 -8.60 -32.34 -31.73
N VAL A 449 -7.54 -32.64 -32.48
CA VAL A 449 -7.29 -34.03 -32.87
C VAL A 449 -6.98 -34.86 -31.63
N LEU A 450 -6.30 -34.28 -30.64
CA LEU A 450 -6.03 -35.05 -29.42
C LEU A 450 -7.27 -35.13 -28.53
N LYS A 451 -8.19 -34.17 -28.63
CA LYS A 451 -9.39 -34.23 -27.82
C LYS A 451 -10.37 -35.28 -28.34
N LYS A 452 -10.66 -35.24 -29.64
CA LYS A 452 -11.66 -36.16 -30.20
C LYS A 452 -11.12 -37.56 -30.44
N HIS A 453 -9.81 -37.73 -30.52
CA HIS A 453 -9.33 -39.03 -30.99
C HIS A 453 -8.21 -39.61 -30.15
N LEU A 454 -7.26 -38.80 -29.68
CA LEU A 454 -6.02 -39.32 -29.12
C LEU A 454 -5.74 -38.81 -27.71
N LYS A 455 -6.78 -38.56 -26.92
CA LYS A 455 -6.55 -38.16 -25.53
C LYS A 455 -5.85 -39.24 -24.72
N PRO A 456 -6.25 -40.51 -24.76
CA PRO A 456 -5.51 -41.53 -24.00
C PRO A 456 -4.06 -41.65 -24.44
N HIS A 457 -3.80 -41.66 -25.75
CA HIS A 457 -2.43 -41.77 -26.23
C HIS A 457 -1.60 -40.55 -25.83
N TRP A 458 -2.22 -39.37 -25.71
CA TRP A 458 -1.48 -38.22 -25.19
C TRP A 458 -1.14 -38.42 -23.72
N ASN A 459 -2.10 -38.88 -22.92
CA ASN A 459 -1.82 -39.09 -21.50
C ASN A 459 -0.77 -40.16 -21.29
N ASP A 460 -0.76 -41.18 -22.14
CA ASP A 460 0.16 -42.32 -21.98
C ASP A 460 1.60 -41.97 -22.31
N GLY A 461 1.84 -40.92 -23.10
CA GLY A 461 3.19 -40.54 -23.44
C GLY A 461 3.69 -41.12 -24.76
N ALA A 462 2.81 -41.77 -25.51
CA ALA A 462 3.21 -42.34 -26.81
C ALA A 462 3.47 -41.26 -27.84
N ILE A 463 2.81 -40.12 -27.71
CA ILE A 463 2.89 -39.04 -28.69
C ILE A 463 3.92 -38.04 -28.17
N LEU A 464 5.13 -38.08 -28.75
CA LEU A 464 6.06 -36.98 -28.51
C LEU A 464 5.53 -35.70 -29.14
N GLY A 465 5.03 -35.80 -30.37
CA GLY A 465 4.28 -34.75 -31.01
C GLY A 465 5.06 -33.50 -31.36
N PHE A 466 5.51 -32.75 -30.35
CA PHE A 466 6.16 -31.46 -30.57
C PHE A 466 7.64 -31.69 -30.90
N VAL A 467 7.86 -32.32 -32.05
CA VAL A 467 9.20 -32.55 -32.59
C VAL A 467 9.16 -32.21 -34.07
N ASN A 468 10.34 -32.00 -34.64
CA ASN A 468 10.50 -31.65 -36.04
C ASN A 468 11.00 -32.85 -36.82
N LYS A 469 10.83 -32.80 -38.14
CA LYS A 469 11.21 -33.92 -38.99
C LYS A 469 12.69 -34.25 -38.80
N GLN A 470 13.55 -33.26 -39.02
CA GLN A 470 14.99 -33.47 -38.82
C GLN A 470 15.30 -33.67 -37.35
N GLN A 471 14.57 -32.99 -36.47
CA GLN A 471 14.80 -33.17 -35.04
C GLN A 471 14.35 -34.55 -34.59
N ALA A 472 13.23 -35.03 -35.10
CA ALA A 472 12.83 -36.41 -34.84
C ALA A 472 13.81 -37.38 -35.47
N HIS A 473 14.45 -36.97 -36.56
CA HIS A 473 15.37 -37.84 -37.29
C HIS A 473 16.60 -38.18 -36.46
N ASP A 474 17.50 -37.22 -36.27
CA ASP A 474 18.75 -37.49 -35.55
C ASP A 474 18.49 -38.07 -34.16
N LEU A 475 17.36 -37.72 -33.55
CA LEU A 475 16.99 -38.30 -32.28
C LEU A 475 16.67 -39.78 -32.41
N LEU A 476 16.23 -40.22 -33.59
CA LEU A 476 15.69 -41.54 -33.81
C LEU A 476 16.63 -42.48 -34.57
N ILE A 477 17.74 -41.97 -35.11
CA ILE A 477 18.66 -42.79 -35.91
C ILE A 477 19.31 -43.88 -35.08
N ASN A 478 19.89 -43.52 -33.93
CA ASN A 478 20.64 -44.51 -33.15
C ASN A 478 19.76 -45.62 -32.62
N LYS A 479 18.45 -45.38 -32.51
CA LYS A 479 17.53 -46.38 -32.00
C LYS A 479 17.52 -47.61 -32.90
N PRO A 480 17.22 -48.79 -32.36
CA PRO A 480 17.21 -50.01 -33.17
C PRO A 480 16.13 -49.98 -34.25
N ASP A 481 16.27 -50.90 -35.19
CA ASP A 481 15.34 -50.99 -36.32
C ASP A 481 13.92 -51.26 -35.85
N GLY A 482 12.97 -50.55 -36.43
CA GLY A 482 11.57 -50.69 -36.10
C GLY A 482 11.05 -49.71 -35.07
N THR A 483 11.85 -48.74 -34.66
CA THR A 483 11.45 -47.75 -33.67
C THR A 483 10.82 -46.55 -34.37
N PHE A 484 9.66 -46.12 -33.88
CA PHE A 484 8.93 -45.00 -34.46
C PHE A 484 8.64 -43.97 -33.39
N LEU A 485 8.21 -42.79 -33.85
CA LEU A 485 7.67 -41.75 -32.98
C LEU A 485 6.68 -40.93 -33.79
N LEU A 486 5.65 -40.43 -33.11
CA LEU A 486 4.57 -39.68 -33.74
C LEU A 486 4.74 -38.21 -33.43
N ARG A 487 4.89 -37.40 -34.47
CA ARG A 487 5.00 -35.95 -34.34
C ARG A 487 3.82 -35.29 -35.02
N PHE A 488 3.53 -34.05 -34.64
CA PHE A 488 2.41 -33.35 -35.26
C PHE A 488 2.85 -32.72 -36.57
N SER A 489 2.10 -33.02 -37.62
CA SER A 489 2.44 -32.56 -38.96
C SER A 489 2.29 -31.06 -39.09
N ASP A 490 3.36 -30.38 -39.50
CA ASP A 490 3.22 -29.07 -40.10
C ASP A 490 2.75 -29.16 -41.55
N SER A 491 2.71 -30.37 -42.10
CA SER A 491 2.23 -30.58 -43.46
C SER A 491 0.73 -30.33 -43.57
N GLU A 492 -0.04 -30.94 -42.67
CA GLU A 492 -1.49 -30.78 -42.60
C GLU A 492 -1.88 -30.28 -41.21
N ILE A 493 -3.00 -29.56 -41.15
CA ILE A 493 -3.35 -28.82 -39.92
C ILE A 493 -3.66 -29.79 -38.78
N GLY A 494 -4.54 -30.76 -39.01
CA GLY A 494 -4.99 -31.61 -37.92
C GLY A 494 -4.39 -33.00 -37.88
N GLY A 495 -3.28 -33.21 -38.57
CA GLY A 495 -2.72 -34.53 -38.73
C GLY A 495 -1.49 -34.80 -37.87
N ILE A 496 -1.15 -36.08 -37.75
CA ILE A 496 0.08 -36.54 -37.11
C ILE A 496 0.80 -37.49 -38.06
N THR A 497 2.11 -37.38 -38.12
CA THR A 497 2.95 -38.24 -38.94
C THR A 497 3.85 -39.11 -38.08
N ILE A 498 4.40 -40.14 -38.73
CA ILE A 498 5.24 -41.15 -38.10
C ILE A 498 6.64 -41.02 -38.67
N ALA A 499 7.65 -41.03 -37.80
CA ALA A 499 9.03 -41.12 -38.22
C ALA A 499 9.62 -42.40 -37.65
N TRP A 500 10.26 -43.20 -38.50
CA TRP A 500 10.59 -44.58 -38.18
C TRP A 500 12.06 -44.87 -38.43
N LYS A 501 12.51 -46.02 -37.93
CA LYS A 501 13.91 -46.45 -38.02
C LYS A 501 13.96 -47.83 -38.65
N PHE A 502 14.52 -47.91 -39.86
CA PHE A 502 14.89 -49.17 -40.47
C PHE A 502 16.20 -48.96 -41.22
N ASP A 503 16.97 -50.04 -41.39
CA ASP A 503 18.30 -49.92 -41.97
C ASP A 503 18.24 -49.66 -43.46
N SER A 504 17.38 -50.39 -44.18
CA SER A 504 17.30 -50.22 -45.63
C SER A 504 16.60 -48.91 -45.99
N GLN A 505 15.44 -48.66 -45.37
CA GLN A 505 14.68 -47.41 -45.45
C GLN A 505 14.82 -46.64 -46.76
N GLU A 506 15.92 -45.89 -46.89
CA GLU A 506 16.06 -44.95 -48.00
C GLU A 506 16.08 -45.65 -49.34
N ARG A 507 16.58 -46.90 -49.39
CA ARG A 507 16.56 -47.67 -50.63
C ARG A 507 15.17 -48.20 -50.93
N MET A 508 14.29 -48.25 -49.93
CA MET A 508 12.89 -48.61 -50.14
C MET A 508 12.08 -47.39 -50.55
N PHE A 509 10.83 -47.63 -50.94
CA PHE A 509 9.92 -46.53 -51.20
C PHE A 509 9.24 -46.14 -49.90
N TRP A 510 7.97 -46.53 -49.74
CA TRP A 510 7.21 -46.34 -48.51
C TRP A 510 7.19 -44.90 -47.99
N HIS A 511 6.14 -44.16 -48.34
CA HIS A 511 5.84 -42.87 -47.72
C HIS A 511 4.37 -42.87 -47.34
N LEU A 512 4.09 -42.45 -46.11
CA LEU A 512 2.73 -42.46 -45.59
C LEU A 512 2.15 -41.05 -45.59
N MET A 513 0.83 -40.98 -45.72
CA MET A 513 0.15 -39.71 -45.58
C MET A 513 -0.21 -39.47 -44.11
N PRO A 514 -0.06 -38.24 -43.63
CA PRO A 514 -0.46 -37.93 -42.25
C PRO A 514 -1.87 -38.42 -41.94
N PHE A 515 -2.12 -38.74 -40.67
CA PHE A 515 -3.41 -39.23 -40.22
C PHE A 515 -4.19 -38.08 -39.61
N THR A 516 -5.39 -37.84 -40.13
CA THR A 516 -6.26 -36.77 -39.66
C THR A 516 -7.50 -37.36 -39.00
N THR A 517 -8.50 -36.50 -38.76
CA THR A 517 -9.77 -36.96 -38.20
C THR A 517 -10.48 -37.89 -39.17
N ARG A 518 -10.42 -37.58 -40.47
CA ARG A 518 -11.04 -38.43 -41.47
C ARG A 518 -10.48 -39.85 -41.40
N ASP A 519 -9.15 -39.97 -41.38
CA ASP A 519 -8.53 -41.28 -41.22
C ASP A 519 -8.91 -41.92 -39.89
N PHE A 520 -8.84 -41.15 -38.80
CA PHE A 520 -9.08 -41.69 -37.46
C PHE A 520 -10.53 -42.09 -37.24
N SER A 521 -11.46 -41.54 -38.02
CA SER A 521 -12.87 -41.89 -37.82
C SER A 521 -13.14 -43.34 -38.20
N ILE A 522 -12.52 -43.82 -39.28
CA ILE A 522 -12.84 -45.14 -39.79
C ILE A 522 -11.99 -46.26 -39.17
N ARG A 523 -10.73 -45.99 -38.83
CA ARG A 523 -9.81 -47.04 -38.39
C ARG A 523 -9.22 -46.86 -37.00
N SER A 524 -9.00 -45.62 -36.55
CA SER A 524 -8.42 -45.28 -35.25
C SER A 524 -6.91 -45.53 -35.20
N LEU A 525 -6.21 -44.74 -34.37
CA LEU A 525 -4.75 -44.72 -34.38
C LEU A 525 -4.15 -46.07 -33.99
N ALA A 526 -4.66 -46.69 -32.91
CA ALA A 526 -4.10 -47.95 -32.47
C ALA A 526 -4.19 -49.01 -33.56
N ASP A 527 -5.34 -49.09 -34.25
CA ASP A 527 -5.49 -50.04 -35.33
C ASP A 527 -4.57 -49.71 -36.50
N ARG A 528 -4.44 -48.42 -36.84
CA ARG A 528 -3.51 -48.05 -37.91
C ARG A 528 -2.10 -48.52 -37.58
N LEU A 529 -1.66 -48.33 -36.33
CA LEU A 529 -0.35 -48.81 -35.94
C LEU A 529 -0.28 -50.33 -35.90
N GLY A 530 -1.39 -50.99 -35.58
CA GLY A 530 -1.41 -52.44 -35.61
C GLY A 530 -1.21 -52.99 -37.01
N ASP A 531 -1.83 -52.33 -38.00
CA ASP A 531 -1.67 -52.75 -39.40
C ASP A 531 -0.22 -52.74 -39.83
N LEU A 532 0.59 -51.82 -39.29
CA LEU A 532 1.99 -51.69 -39.68
C LEU A 532 2.83 -52.58 -38.79
N ASN A 533 3.10 -53.80 -39.27
CA ASN A 533 3.86 -54.76 -38.48
C ASN A 533 5.33 -54.38 -38.38
N TYR A 534 5.84 -53.61 -39.33
CA TYR A 534 7.25 -53.22 -39.33
C TYR A 534 7.57 -52.20 -38.24
N LEU A 535 6.57 -51.54 -37.67
CA LEU A 535 6.74 -50.63 -36.56
C LEU A 535 6.49 -51.41 -35.26
N ILE A 536 7.49 -51.47 -34.39
CA ILE A 536 7.42 -52.35 -33.23
C ILE A 536 7.78 -51.68 -31.91
N TYR A 537 8.57 -50.61 -31.89
CA TYR A 537 8.94 -49.96 -30.64
C TYR A 537 8.50 -48.49 -30.66
N VAL A 538 7.87 -48.06 -29.57
CA VAL A 538 7.59 -46.64 -29.36
C VAL A 538 8.88 -45.99 -28.88
N PHE A 539 9.14 -44.75 -29.34
CA PHE A 539 10.35 -43.94 -29.17
C PHE A 539 11.46 -44.69 -28.42
N PRO A 540 11.49 -44.75 -27.06
CA PRO A 540 12.73 -45.18 -26.41
C PRO A 540 12.89 -46.69 -26.51
N ASP A 541 12.33 -47.41 -25.52
CA ASP A 541 12.31 -48.85 -25.53
C ASP A 541 10.91 -49.45 -25.54
N ARG A 542 9.86 -48.64 -25.43
CA ARG A 542 8.51 -49.16 -25.26
C ARG A 542 8.04 -49.91 -26.50
N PRO A 543 7.64 -51.17 -26.39
CA PRO A 543 7.12 -51.89 -27.56
C PRO A 543 5.70 -51.44 -27.91
N LYS A 544 5.33 -51.71 -29.16
CA LYS A 544 4.02 -51.28 -29.66
C LYS A 544 2.88 -51.92 -28.89
N ASP A 545 2.94 -53.24 -28.72
CA ASP A 545 1.83 -53.95 -28.09
C ASP A 545 1.61 -53.49 -26.66
N GLU A 546 2.70 -53.32 -25.90
CA GLU A 546 2.58 -52.87 -24.52
C GLU A 546 1.81 -51.56 -24.42
N VAL A 547 2.00 -50.68 -25.39
CA VAL A 547 1.32 -49.39 -25.37
C VAL A 547 -0.13 -49.53 -25.83
N TYR A 548 -0.35 -50.21 -26.96
CA TYR A 548 -1.63 -50.20 -27.66
C TYR A 548 -2.44 -51.49 -27.50
N SER A 549 -2.11 -52.35 -26.53
CA SER A 549 -2.89 -53.59 -26.37
C SER A 549 -4.31 -53.29 -25.91
N LYS A 550 -4.47 -52.40 -24.92
CA LYS A 550 -5.80 -52.07 -24.43
C LYS A 550 -6.64 -51.30 -25.46
N TYR A 551 -6.01 -50.70 -26.47
CA TYR A 551 -6.74 -49.87 -27.43
C TYR A 551 -6.95 -50.55 -28.78
N TYR A 552 -6.31 -51.68 -29.03
CA TYR A 552 -6.63 -52.48 -30.22
C TYR A 552 -8.09 -52.91 -30.18
N THR A 553 -8.67 -53.13 -31.36
CA THR A 553 -10.08 -53.47 -31.46
C THR A 553 -10.22 -54.97 -31.58
N PRO A 554 -10.68 -55.68 -30.53
CA PRO A 554 -10.88 -57.13 -30.53
C PRO A 554 -11.93 -57.59 -31.53
N SER B 7 17.77 -4.54 8.11
CA SER B 7 18.50 -5.23 7.04
C SER B 7 17.66 -6.37 6.48
N GLN B 8 16.35 -6.28 6.68
CA GLN B 8 15.40 -7.25 6.14
C GLN B 8 14.89 -6.82 4.78
N LYS B 9 14.32 -5.62 4.70
CA LYS B 9 13.92 -5.04 3.43
C LYS B 9 14.97 -4.07 2.88
N HIS B 10 16.12 -3.96 3.56
CA HIS B 10 17.29 -3.36 2.92
C HIS B 10 17.88 -4.28 1.86
N LEU B 11 17.88 -5.59 2.13
CA LEU B 11 18.33 -6.55 1.12
C LEU B 11 17.51 -6.45 -0.15
N GLN B 12 16.20 -6.24 -0.01
CA GLN B 12 15.34 -6.04 -1.18
C GLN B 12 15.78 -4.82 -1.97
N ILE B 13 16.07 -3.72 -1.28
CA ILE B 13 16.47 -2.48 -1.96
C ILE B 13 17.78 -2.68 -2.70
N ASN B 14 18.78 -3.26 -2.02
CA ASN B 14 20.07 -3.46 -2.66
C ASN B 14 19.99 -4.46 -3.81
N GLN B 15 19.12 -5.46 -3.71
CA GLN B 15 18.90 -6.38 -4.82
C GLN B 15 18.27 -5.68 -6.00
N THR B 16 17.29 -4.81 -5.73
CA THR B 16 16.68 -4.01 -6.80
C THR B 16 17.73 -3.14 -7.47
N PHE B 17 18.71 -2.66 -6.70
CA PHE B 17 19.79 -1.87 -7.31
C PHE B 17 20.64 -2.71 -8.26
N GLU B 18 20.95 -3.95 -7.89
CA GLU B 18 21.70 -4.81 -8.80
C GLU B 18 20.89 -5.12 -10.06
N GLU B 19 19.59 -5.37 -9.89
CA GLU B 19 18.71 -5.56 -11.04
C GLU B 19 18.76 -4.36 -11.97
N LEU B 20 18.64 -3.16 -11.40
CA LEU B 20 18.68 -1.92 -12.18
C LEU B 20 20.01 -1.78 -12.92
N ARG B 21 21.12 -1.99 -12.21
CA ARG B 21 22.42 -1.89 -12.84
C ARG B 21 22.54 -2.84 -14.02
N LEU B 22 22.09 -4.09 -13.83
CA LEU B 22 22.17 -5.08 -14.90
C LEU B 22 21.33 -4.68 -16.10
N VAL B 23 20.10 -4.21 -15.87
CA VAL B 23 19.24 -3.89 -17.01
C VAL B 23 19.77 -2.68 -17.76
N THR B 24 20.30 -1.67 -17.05
CA THR B 24 20.90 -0.54 -17.73
C THR B 24 22.13 -0.96 -18.53
N GLN B 25 22.92 -1.89 -18.00
CA GLN B 25 24.06 -2.40 -18.76
C GLN B 25 23.61 -3.08 -20.05
N ASP B 26 22.57 -3.92 -19.95
CA ASP B 26 22.07 -4.60 -21.14
C ASP B 26 21.47 -3.63 -22.13
N THR B 27 20.85 -2.54 -21.64
CA THR B 27 20.32 -1.53 -22.56
C THR B 27 21.44 -0.80 -23.28
N GLU B 28 22.53 -0.49 -22.59
CA GLU B 28 23.65 0.13 -23.30
C GLU B 28 24.26 -0.80 -24.32
N ASN B 29 24.38 -2.09 -24.01
CA ASN B 29 24.92 -3.03 -24.99
C ASN B 29 24.00 -3.16 -26.21
N GLU B 30 22.69 -3.21 -25.97
CA GLU B 30 21.74 -3.19 -27.09
C GLU B 30 21.91 -1.94 -27.94
N LEU B 31 22.09 -0.78 -27.30
CA LEU B 31 22.25 0.45 -28.06
C LEU B 31 23.56 0.47 -28.85
N LYS B 32 24.62 -0.11 -28.28
CA LYS B 32 25.87 -0.24 -29.03
C LYS B 32 25.67 -1.09 -30.28
N LYS B 33 24.97 -2.22 -30.13
CA LYS B 33 24.69 -3.07 -31.29
C LYS B 33 23.86 -2.32 -32.31
N LEU B 34 22.91 -1.49 -31.86
CA LEU B 34 22.08 -0.71 -32.76
C LEU B 34 22.91 0.32 -33.50
N GLN B 35 23.86 0.95 -32.82
CA GLN B 35 24.76 1.90 -33.47
C GLN B 35 25.56 1.22 -34.56
N GLN B 36 26.14 0.05 -34.26
CA GLN B 36 26.89 -0.67 -35.28
C GLN B 36 26.01 -1.03 -36.47
N THR B 37 24.79 -1.48 -36.20
CA THR B 37 23.86 -1.85 -37.27
C THR B 37 23.56 -0.66 -38.18
N GLN B 38 23.21 0.48 -37.58
CA GLN B 38 22.88 1.66 -38.39
C GLN B 38 24.10 2.18 -39.15
N GLU B 39 25.28 2.13 -38.52
CA GLU B 39 26.48 2.63 -39.18
C GLU B 39 26.83 1.77 -40.39
N TYR B 40 26.57 0.46 -40.34
CA TYR B 40 26.76 -0.37 -41.53
C TYR B 40 25.66 -0.12 -42.55
N PHE B 41 24.43 0.08 -42.08
CA PHE B 41 23.32 0.35 -42.98
C PHE B 41 23.62 1.56 -43.85
N ILE B 42 24.15 2.63 -43.26
CA ILE B 42 24.27 3.84 -44.06
C ILE B 42 25.40 3.73 -45.09
N ILE B 43 26.49 3.01 -44.78
CA ILE B 43 27.55 2.90 -45.78
C ILE B 43 27.09 2.06 -46.96
N GLN B 44 26.41 0.94 -46.71
CA GLN B 44 25.93 0.21 -47.89
C GLN B 44 24.76 0.92 -48.57
N TYR B 45 23.99 1.72 -47.83
CA TYR B 45 22.95 2.53 -48.47
C TYR B 45 23.57 3.58 -49.38
N GLN B 46 24.75 4.08 -49.03
CA GLN B 46 25.51 4.95 -49.93
C GLN B 46 26.03 4.17 -51.13
N GLU B 47 26.42 2.91 -50.90
CA GLU B 47 26.76 2.03 -52.02
C GLU B 47 25.60 1.92 -53.00
N SER B 48 24.38 1.80 -52.49
CA SER B 48 23.20 1.76 -53.35
C SER B 48 23.06 3.05 -54.14
N LEU B 49 23.32 4.19 -53.50
CA LEU B 49 23.25 5.47 -54.21
C LEU B 49 24.29 5.55 -55.32
N ARG B 50 25.47 4.97 -55.10
CA ARG B 50 26.48 4.98 -56.15
C ARG B 50 26.16 4.01 -57.26
N ILE B 51 25.46 2.91 -56.97
CA ILE B 51 25.16 1.96 -58.04
C ILE B 51 23.94 2.40 -58.84
N GLN B 52 22.99 3.08 -58.19
CA GLN B 52 21.82 3.58 -58.91
C GLN B 52 22.22 4.69 -59.87
N ALA B 53 23.33 5.38 -59.60
CA ALA B 53 23.83 6.46 -60.43
C ALA B 53 24.77 5.98 -61.52
N GLN B 54 25.16 4.70 -61.52
CA GLN B 54 26.00 4.16 -62.58
C GLN B 54 25.16 4.02 -63.84
N PHE B 55 24.94 5.17 -64.50
CA PHE B 55 24.10 5.27 -65.69
C PHE B 55 22.69 4.74 -65.43
N ARG B 69 21.54 -4.19 -72.23
CA ARG B 69 22.95 -4.05 -72.55
C ARG B 69 23.79 -3.95 -71.29
N GLU B 70 23.44 -3.00 -70.42
CA GLU B 70 24.12 -2.79 -69.15
C GLU B 70 23.32 -3.42 -68.00
N THR B 71 22.92 -4.67 -68.19
CA THR B 71 22.16 -5.43 -67.20
C THR B 71 22.99 -5.81 -65.98
N ALA B 72 24.32 -5.71 -66.06
CA ALA B 72 25.18 -6.09 -64.94
C ALA B 72 24.86 -5.30 -63.68
N LEU B 73 24.47 -4.03 -63.83
CA LEU B 73 24.09 -3.25 -62.65
C LEU B 73 22.84 -3.83 -62.00
N GLN B 74 21.84 -4.21 -62.80
CA GLN B 74 20.59 -4.74 -62.27
C GLN B 74 20.84 -5.99 -61.42
N GLN B 75 21.49 -6.99 -62.00
CA GLN B 75 21.80 -8.21 -61.26
C GLN B 75 22.58 -7.93 -59.99
N LYS B 76 23.20 -6.76 -59.87
CA LYS B 76 23.88 -6.35 -58.64
C LYS B 76 23.02 -5.47 -57.75
N GLN B 77 22.17 -4.62 -58.34
CA GLN B 77 21.39 -3.66 -57.56
C GLN B 77 20.25 -4.33 -56.79
N VAL B 78 19.51 -5.25 -57.43
CA VAL B 78 18.30 -5.80 -56.82
C VAL B 78 18.59 -6.49 -55.50
N SER B 79 19.78 -7.09 -55.35
CA SER B 79 20.11 -7.70 -54.07
C SER B 79 20.16 -6.66 -52.95
N LEU B 80 20.76 -5.49 -53.21
CA LEU B 80 20.90 -4.48 -52.17
C LEU B 80 19.54 -3.99 -51.68
N GLU B 81 18.63 -3.70 -52.60
CA GLU B 81 17.27 -3.38 -52.19
C GLU B 81 16.63 -4.56 -51.46
N ALA B 82 16.86 -5.77 -51.96
CA ALA B 82 16.40 -6.96 -51.22
C ALA B 82 17.02 -6.99 -49.83
N TRP B 83 18.21 -6.43 -49.69
CA TRP B 83 18.84 -6.28 -48.38
C TRP B 83 18.29 -5.08 -47.63
N LEU B 84 17.98 -3.99 -48.35
CA LEU B 84 17.76 -2.72 -47.67
C LEU B 84 16.36 -2.62 -47.05
N GLN B 85 15.33 -2.91 -47.83
CA GLN B 85 13.97 -2.77 -47.33
C GLN B 85 13.75 -3.63 -46.10
N ARG B 86 14.31 -4.84 -46.09
CA ARG B 86 14.23 -5.68 -44.90
C ARG B 86 14.95 -5.03 -43.72
N GLU B 87 16.19 -4.57 -43.94
CA GLU B 87 16.99 -4.09 -42.83
C GLU B 87 16.36 -2.89 -42.13
N ALA B 88 15.82 -1.94 -42.91
CA ALA B 88 15.15 -0.80 -42.29
C ALA B 88 14.09 -1.28 -41.33
N GLN B 89 13.31 -2.29 -41.72
CA GLN B 89 12.31 -2.83 -40.81
C GLN B 89 13.00 -3.34 -39.55
N THR B 90 14.00 -4.20 -39.71
CA THR B 90 14.70 -4.74 -38.55
C THR B 90 15.37 -3.62 -37.78
N LEU B 91 15.77 -2.55 -38.46
CA LEU B 91 16.32 -1.41 -37.73
C LEU B 91 15.22 -0.71 -36.94
N GLN B 92 14.11 -0.38 -37.60
CA GLN B 92 13.04 0.35 -36.92
C GLN B 92 12.48 -0.46 -35.77
N GLN B 93 12.24 -1.75 -36.01
CA GLN B 93 11.82 -2.65 -34.95
C GLN B 93 12.78 -2.57 -33.77
N TYR B 94 14.09 -2.70 -34.05
CA TYR B 94 15.08 -2.64 -32.98
C TYR B 94 14.89 -1.36 -32.17
N ARG B 95 14.70 -0.24 -32.86
CA ARG B 95 14.57 1.03 -32.17
C ARG B 95 13.38 1.00 -31.22
N VAL B 96 12.21 0.58 -31.73
CA VAL B 96 11.03 0.62 -30.87
C VAL B 96 11.19 -0.36 -29.73
N GLU B 97 11.96 -1.44 -29.93
CA GLU B 97 12.22 -2.34 -28.82
C GLU B 97 13.12 -1.68 -27.78
N LEU B 98 14.21 -1.05 -28.24
CA LEU B 98 15.16 -0.44 -27.31
C LEU B 98 14.48 0.60 -26.44
N ALA B 99 13.80 1.57 -27.06
CA ALA B 99 13.08 2.57 -26.28
C ALA B 99 12.09 1.92 -25.33
N GLU B 100 11.39 0.88 -25.80
CA GLU B 100 10.44 0.18 -24.94
C GLU B 100 11.15 -0.33 -23.70
N LYS B 101 12.30 -0.97 -23.89
CA LYS B 101 13.12 -1.42 -22.77
C LYS B 101 13.33 -0.28 -21.78
N HIS B 102 13.74 0.88 -22.28
CA HIS B 102 13.99 2.03 -21.41
C HIS B 102 12.78 2.34 -20.56
N GLN B 103 11.59 2.33 -21.17
CA GLN B 103 10.37 2.60 -20.43
C GLN B 103 10.28 1.70 -19.21
N LYS B 104 10.45 0.39 -19.42
CA LYS B 104 10.35 -0.55 -18.32
C LYS B 104 11.31 -0.16 -17.21
N THR B 105 12.57 0.11 -17.56
CA THR B 105 13.54 0.48 -16.54
C THR B 105 13.06 1.69 -15.75
N LEU B 106 12.62 2.73 -16.45
CA LEU B 106 12.15 3.92 -15.74
C LEU B 106 10.94 3.59 -14.89
N GLN B 107 10.05 2.73 -15.41
CA GLN B 107 8.88 2.33 -14.64
C GLN B 107 9.31 1.76 -13.31
N LEU B 108 10.36 0.95 -13.30
CA LEU B 108 10.80 0.37 -12.03
C LEU B 108 11.51 1.43 -11.18
N LEU B 109 12.26 2.34 -11.81
CA LEU B 109 12.96 3.39 -11.06
C LEU B 109 11.98 4.23 -10.26
N ARG B 110 10.86 4.61 -10.87
CA ARG B 110 9.83 5.35 -10.15
C ARG B 110 9.40 4.58 -8.91
N LYS B 111 9.20 3.27 -9.05
CA LYS B 111 8.87 2.44 -7.90
C LYS B 111 9.99 2.45 -6.87
N GLN B 112 11.24 2.35 -7.33
CA GLN B 112 12.36 2.25 -6.40
C GLN B 112 12.63 3.57 -5.69
N GLN B 113 12.68 4.67 -6.44
CA GLN B 113 12.95 5.97 -5.83
C GLN B 113 11.90 6.30 -4.78
N THR B 114 10.63 6.06 -5.09
CA THR B 114 9.56 6.29 -4.13
C THR B 114 9.79 5.50 -2.84
N ILE B 115 10.37 4.31 -2.95
CA ILE B 115 10.68 3.55 -1.74
C ILE B 115 11.68 4.32 -0.89
N ILE B 116 12.77 4.79 -1.50
CA ILE B 116 13.83 5.45 -0.75
C ILE B 116 13.34 6.79 -0.21
N LEU B 117 12.90 7.67 -1.11
CA LEU B 117 12.59 9.05 -0.72
C LEU B 117 11.36 9.13 0.17
N ASP B 118 10.33 8.35 -0.12
CA ASP B 118 9.05 8.49 0.59
C ASP B 118 8.94 7.62 1.83
N ASP B 119 9.85 6.66 2.03
CA ASP B 119 9.76 5.75 3.16
C ASP B 119 11.04 5.76 4.00
N GLU B 120 12.18 5.36 3.44
CA GLU B 120 13.42 5.31 4.23
C GLU B 120 13.83 6.69 4.71
N LEU B 121 13.78 7.69 3.83
CA LEU B 121 14.13 9.05 4.24
C LEU B 121 13.16 9.58 5.28
N ILE B 122 11.87 9.30 5.11
CA ILE B 122 10.89 9.71 6.10
C ILE B 122 11.16 9.02 7.44
N GLN B 123 11.53 7.74 7.39
CA GLN B 123 11.87 7.01 8.61
C GLN B 123 13.05 7.65 9.32
N TRP B 124 14.09 8.00 8.57
CA TRP B 124 15.28 8.61 9.18
C TRP B 124 14.97 10.00 9.73
N LYS B 125 14.15 10.77 9.02
CA LYS B 125 13.75 12.08 9.52
C LYS B 125 12.94 11.95 10.80
N ARG B 126 12.13 10.91 10.91
CA ARG B 126 11.40 10.70 12.16
C ARG B 126 12.33 10.23 13.28
N ARG B 127 13.37 9.45 12.94
CA ARG B 127 14.38 9.12 13.93
C ARG B 127 15.04 10.39 14.47
N GLN B 128 15.32 11.35 13.58
CA GLN B 128 15.87 12.63 14.01
C GLN B 128 14.87 13.37 14.92
N GLN B 129 13.61 13.41 14.51
CA GLN B 129 12.57 14.04 15.33
C GLN B 129 12.54 13.46 16.73
N LEU B 130 12.58 12.13 16.84
CA LEU B 130 12.53 11.48 18.14
C LEU B 130 13.82 11.70 18.92
N ALA B 131 14.97 11.71 18.24
CA ALA B 131 16.23 11.98 18.91
C ALA B 131 16.23 13.36 19.53
N GLY B 132 15.48 14.29 18.93
CA GLY B 132 15.32 15.60 19.53
C GLY B 132 14.65 15.59 20.90
N ASN B 133 14.06 14.46 21.30
CA ASN B 133 13.46 14.30 22.62
C ASN B 133 14.28 13.36 23.51
N GLY B 134 15.57 13.25 23.25
CA GLY B 134 16.43 12.37 24.02
C GLY B 134 16.36 10.91 23.65
N GLY B 135 15.73 10.57 22.53
CA GLY B 135 15.68 9.20 22.07
C GLY B 135 16.98 8.76 21.44
N PRO B 136 17.00 7.55 20.89
CA PRO B 136 18.21 7.07 20.25
C PRO B 136 18.55 7.92 19.04
N PRO B 137 19.83 8.10 18.76
CA PRO B 137 20.22 8.95 17.64
C PRO B 137 19.82 8.36 16.30
N GLU B 138 19.54 9.24 15.34
CA GLU B 138 19.14 8.78 14.01
C GLU B 138 20.26 8.03 13.32
N GLY B 139 21.51 8.37 13.63
CA GLY B 139 22.62 7.73 12.99
C GLY B 139 23.08 8.49 11.78
N SER B 140 24.00 7.87 11.04
CA SER B 140 24.53 8.48 9.83
C SER B 140 23.66 8.08 8.65
N LEU B 141 23.45 9.04 7.75
CA LEU B 141 22.66 8.82 6.54
C LEU B 141 23.54 8.39 5.36
N ASP B 142 24.75 7.90 5.64
CA ASP B 142 25.64 7.47 4.56
C ASP B 142 25.01 6.35 3.74
N VAL B 143 24.17 5.52 4.37
CA VAL B 143 23.43 4.52 3.63
C VAL B 143 22.43 5.17 2.67
N LEU B 144 21.68 6.15 3.17
CA LEU B 144 20.73 6.86 2.30
C LEU B 144 21.47 7.67 1.25
N GLN B 145 22.60 8.26 1.62
CA GLN B 145 23.40 8.98 0.65
C GLN B 145 23.87 8.05 -0.47
N SER B 146 24.39 6.87 -0.12
CA SER B 146 24.83 5.92 -1.13
C SER B 146 23.67 5.47 -2.01
N TRP B 147 22.51 5.24 -1.41
CA TRP B 147 21.33 4.90 -2.21
C TRP B 147 21.03 5.99 -3.23
N CYS B 148 21.07 7.25 -2.80
CA CYS B 148 20.82 8.35 -3.72
C CYS B 148 21.90 8.46 -4.79
N GLU B 149 23.16 8.19 -4.43
CA GLU B 149 24.23 8.18 -5.43
C GLU B 149 23.95 7.16 -6.52
N LYS B 150 23.57 5.95 -6.12
CA LYS B 150 23.31 4.91 -7.11
C LYS B 150 22.06 5.23 -7.93
N LEU B 151 21.04 5.81 -7.29
CA LEU B 151 19.85 6.24 -8.02
C LEU B 151 20.21 7.26 -9.10
N ALA B 152 20.95 8.30 -8.72
CA ALA B 152 21.37 9.31 -9.69
C ALA B 152 22.21 8.68 -10.79
N GLU B 153 23.12 7.79 -10.42
CA GLU B 153 23.93 7.08 -11.41
C GLU B 153 23.06 6.39 -12.45
N ILE B 154 22.07 5.61 -11.99
CA ILE B 154 21.23 4.85 -12.91
C ILE B 154 20.47 5.79 -13.84
N ILE B 155 19.75 6.76 -13.26
CA ILE B 155 18.89 7.60 -14.09
C ILE B 155 19.72 8.47 -15.05
N TRP B 156 20.90 8.93 -14.61
CA TRP B 156 21.73 9.72 -15.50
C TRP B 156 22.28 8.88 -16.64
N GLN B 157 22.61 7.64 -16.34
CA GLN B 157 23.12 6.81 -17.45
C GLN B 157 21.97 6.70 -18.45
N ASN B 158 20.81 6.30 -17.99
CA ASN B 158 19.73 6.13 -18.96
C ASN B 158 19.46 7.41 -19.74
N ARG B 159 19.58 8.57 -19.10
CA ARG B 159 19.45 9.82 -19.83
C ARG B 159 20.48 9.92 -20.96
N GLN B 160 21.73 9.56 -20.64
CA GLN B 160 22.77 9.58 -21.67
C GLN B 160 22.46 8.59 -22.79
N GLN B 161 22.01 7.39 -22.44
CA GLN B 161 21.67 6.39 -23.45
C GLN B 161 20.57 6.90 -24.38
N ILE B 162 19.56 7.55 -23.80
CA ILE B 162 18.43 8.04 -24.59
C ILE B 162 18.87 9.19 -25.49
N ARG B 163 19.72 10.08 -24.99
CA ARG B 163 20.24 11.13 -25.86
C ARG B 163 21.05 10.55 -27.00
N ARG B 164 21.76 9.45 -26.74
CA ARG B 164 22.51 8.78 -27.80
C ARG B 164 21.57 8.19 -28.85
N ALA B 165 20.48 7.54 -28.41
CA ALA B 165 19.50 7.00 -29.34
C ALA B 165 18.82 8.10 -30.14
N GLU B 166 18.54 9.24 -29.51
CA GLU B 166 17.97 10.39 -30.20
C GLU B 166 18.93 10.88 -31.29
N HIS B 167 20.21 11.00 -30.96
CA HIS B 167 21.19 11.43 -31.96
C HIS B 167 21.25 10.45 -33.13
N LEU B 168 21.19 9.14 -32.83
CA LEU B 168 21.19 8.15 -33.90
C LEU B 168 19.97 8.31 -34.79
N CYS B 169 18.81 8.57 -34.21
CA CYS B 169 17.62 8.87 -35.01
C CYS B 169 17.80 10.16 -35.81
N GLN B 170 18.57 11.11 -35.28
CA GLN B 170 18.83 12.34 -36.00
C GLN B 170 19.62 12.07 -37.28
N GLN B 171 20.64 11.22 -37.20
CA GLN B 171 21.49 11.01 -38.37
C GLN B 171 20.76 10.25 -39.48
N LEU B 172 19.91 9.28 -39.13
CA LEU B 172 19.13 8.53 -40.10
C LEU B 172 17.68 8.47 -39.62
N PRO B 173 16.86 9.44 -40.01
CA PRO B 173 15.47 9.48 -39.52
C PRO B 173 14.56 8.54 -40.30
N ILE B 174 13.86 7.69 -39.57
CA ILE B 174 12.77 6.88 -40.10
C ILE B 174 11.51 7.33 -39.38
N PRO B 175 10.39 7.51 -40.09
CA PRO B 175 9.19 8.10 -39.46
C PRO B 175 8.75 7.39 -38.19
N GLY B 176 7.96 6.33 -38.34
CA GLY B 176 7.57 5.49 -37.23
C GLY B 176 6.93 6.22 -36.07
N PRO B 177 6.78 5.52 -34.93
CA PRO B 177 6.19 6.17 -33.75
C PRO B 177 7.19 6.32 -32.61
N VAL B 178 8.48 6.22 -32.92
CA VAL B 178 9.51 6.09 -31.89
C VAL B 178 9.88 7.44 -31.27
N GLU B 179 9.84 8.53 -32.06
CA GLU B 179 10.23 9.84 -31.53
C GLU B 179 9.33 10.25 -30.37
N GLU B 180 8.03 9.98 -30.48
CA GLU B 180 7.11 10.30 -29.38
C GLU B 180 7.44 9.48 -28.13
N MET B 181 7.78 8.20 -28.31
CA MET B 181 8.17 7.38 -27.17
C MET B 181 9.41 7.95 -26.49
N LEU B 182 10.41 8.32 -27.28
CA LEU B 182 11.65 8.86 -26.71
C LEU B 182 11.39 10.18 -25.99
N ALA B 183 10.54 11.04 -26.57
CA ALA B 183 10.22 12.31 -25.92
C ALA B 183 9.47 12.10 -24.61
N GLU B 184 8.49 11.20 -24.61
CA GLU B 184 7.74 10.91 -23.39
C GLU B 184 8.65 10.35 -22.31
N VAL B 185 9.55 9.44 -22.68
CA VAL B 185 10.41 8.82 -21.68
C VAL B 185 11.43 9.84 -21.17
N ASN B 186 11.90 10.74 -22.03
CA ASN B 186 12.82 11.78 -21.59
C ASN B 186 12.13 12.74 -20.62
N ALA B 187 10.86 13.07 -20.88
CA ALA B 187 10.10 13.87 -19.94
C ALA B 187 9.98 13.17 -18.60
N THR B 188 9.70 11.86 -18.63
CA THR B 188 9.68 11.07 -17.40
C THR B 188 11.03 11.16 -16.67
N ILE B 189 12.12 11.16 -17.44
CA ILE B 189 13.46 11.25 -16.86
C ILE B 189 13.62 12.57 -16.12
N THR B 190 13.24 13.67 -16.77
CA THR B 190 13.35 14.97 -16.12
C THR B 190 12.50 15.03 -14.86
N ASP B 191 11.31 14.43 -14.89
CA ASP B 191 10.46 14.41 -13.71
C ASP B 191 11.15 13.67 -12.56
N ILE B 192 11.71 12.50 -12.86
CA ILE B 192 12.36 11.70 -11.82
C ILE B 192 13.55 12.44 -11.22
N ILE B 193 14.41 13.01 -12.08
CA ILE B 193 15.61 13.65 -11.55
C ILE B 193 15.24 14.88 -10.74
N SER B 194 14.26 15.67 -11.21
CA SER B 194 13.86 16.85 -10.45
C SER B 194 13.32 16.46 -9.08
N ALA B 195 12.46 15.44 -9.04
CA ALA B 195 11.93 14.98 -7.76
C ALA B 195 13.07 14.57 -6.83
N LEU B 196 14.04 13.82 -7.35
CA LEU B 196 15.16 13.37 -6.53
C LEU B 196 15.96 14.53 -5.98
N VAL B 197 16.39 15.46 -6.84
CA VAL B 197 17.28 16.53 -6.38
C VAL B 197 16.56 17.42 -5.38
N THR B 198 15.28 17.71 -5.62
CA THR B 198 14.55 18.52 -4.64
C THR B 198 14.34 17.76 -3.33
N SER B 199 14.24 16.44 -3.38
CA SER B 199 13.92 15.68 -2.17
C SER B 199 15.15 15.32 -1.33
N THR B 200 16.36 15.38 -1.89
CA THR B 200 17.56 15.05 -1.13
C THR B 200 18.29 16.29 -0.58
N PHE B 201 17.57 17.38 -0.32
CA PHE B 201 18.11 18.54 0.37
C PHE B 201 17.58 18.53 1.79
N ILE B 202 18.36 17.97 2.72
CA ILE B 202 17.90 17.70 4.07
C ILE B 202 18.90 18.27 5.08
N ILE B 203 18.41 18.45 6.31
CA ILE B 203 19.21 19.01 7.40
C ILE B 203 19.86 17.85 8.15
N GLU B 204 21.17 17.72 8.02
CA GLU B 204 21.89 16.64 8.69
C GLU B 204 21.93 16.86 10.21
N LYS B 205 22.35 18.05 10.64
CA LYS B 205 22.34 18.43 12.05
C LYS B 205 21.33 19.55 12.22
N GLN B 206 20.24 19.25 12.91
CA GLN B 206 19.14 20.19 13.05
C GLN B 206 19.52 21.31 14.03
N PRO B 207 19.04 22.53 13.78
CA PRO B 207 19.30 23.61 14.73
C PRO B 207 18.67 23.32 16.07
N PRO B 208 19.28 23.78 17.16
CA PRO B 208 18.73 23.50 18.49
C PRO B 208 17.37 24.17 18.67
N GLN B 209 16.36 23.37 18.99
CA GLN B 209 15.09 23.96 19.36
C GLN B 209 15.22 24.65 20.71
N VAL B 210 14.24 25.49 21.04
CA VAL B 210 14.28 26.36 22.22
C VAL B 210 15.60 27.12 22.23
N LEU B 211 15.73 28.11 21.35
CA LEU B 211 16.90 28.98 21.30
C LEU B 211 16.47 30.42 21.54
N LYS B 212 17.27 31.16 22.28
CA LYS B 212 16.98 32.58 22.49
C LYS B 212 17.72 33.42 21.45
N THR B 213 17.28 34.66 21.31
CA THR B 213 18.01 35.60 20.49
C THR B 213 19.37 35.90 21.12
N GLN B 214 20.26 36.47 20.32
CA GLN B 214 21.62 36.87 20.66
C GLN B 214 22.56 35.70 20.92
N THR B 215 22.10 34.46 20.78
CA THR B 215 22.91 33.28 21.09
C THR B 215 23.46 32.66 19.81
N LYS B 216 24.73 32.26 19.85
CA LYS B 216 25.35 31.60 18.73
C LYS B 216 24.92 30.14 18.67
N PHE B 217 24.44 29.69 17.51
CA PHE B 217 24.00 28.32 17.31
C PHE B 217 24.46 27.83 15.95
N ALA B 218 24.32 26.51 15.73
CA ALA B 218 24.83 25.88 14.53
C ALA B 218 23.82 24.85 13.98
N ALA B 219 23.84 24.68 12.67
CA ALA B 219 23.11 23.64 11.97
C ALA B 219 23.91 23.23 10.74
N THR B 220 23.59 22.07 10.18
CA THR B 220 24.26 21.61 8.96
C THR B 220 23.26 20.90 8.05
N VAL B 221 23.24 21.29 6.78
CA VAL B 221 22.36 20.69 5.78
C VAL B 221 23.22 19.90 4.79
N ARG B 222 22.57 19.00 4.05
CA ARG B 222 23.30 18.04 3.23
C ARG B 222 22.61 17.86 1.88
N LEU B 223 23.43 17.61 0.85
CA LEU B 223 22.98 17.20 -0.48
C LEU B 223 23.49 15.80 -0.74
N LEU B 224 22.60 14.81 -0.69
CA LEU B 224 23.00 13.43 -0.86
C LEU B 224 23.46 13.14 -2.29
N VAL B 225 22.88 13.84 -3.27
CA VAL B 225 23.16 13.57 -4.68
C VAL B 225 24.39 14.31 -5.22
N GLY B 226 24.93 15.27 -4.47
CA GLY B 226 25.97 16.12 -5.02
C GLY B 226 27.17 15.37 -5.56
N GLY B 227 27.53 14.25 -4.91
CA GLY B 227 28.71 13.50 -5.32
C GLY B 227 28.71 13.17 -6.80
N LYS B 228 27.57 12.76 -7.33
CA LYS B 228 27.43 12.46 -8.75
C LYS B 228 26.71 13.60 -9.48
N LEU B 229 27.29 14.79 -9.35
CA LEU B 229 26.74 15.96 -10.02
C LEU B 229 27.82 17.04 -10.09
N ASN B 230 27.39 18.31 -10.13
CA ASN B 230 28.24 19.50 -10.09
C ASN B 230 28.46 19.95 -8.65
N VAL B 231 28.96 19.02 -7.85
CA VAL B 231 29.35 19.34 -6.48
C VAL B 231 30.76 19.88 -6.49
N HIS B 232 31.23 20.30 -7.65
CA HIS B 232 32.55 20.94 -7.72
C HIS B 232 32.51 22.16 -8.62
N MET B 233 31.75 22.08 -9.72
CA MET B 233 31.70 23.21 -10.65
C MET B 233 30.95 24.39 -10.05
N ASN B 234 29.81 24.11 -9.41
CA ASN B 234 29.05 25.14 -8.71
C ASN B 234 28.59 24.64 -7.35
N PRO B 235 29.47 24.63 -6.37
CA PRO B 235 29.01 24.46 -5.00
C PRO B 235 28.13 25.65 -4.65
N PRO B 236 26.82 25.47 -4.60
CA PRO B 236 25.95 26.64 -4.58
C PRO B 236 25.99 27.35 -3.24
N GLN B 237 25.59 28.62 -3.28
CA GLN B 237 25.42 29.38 -2.05
C GLN B 237 24.08 29.01 -1.46
N VAL B 238 24.09 28.72 -0.17
CA VAL B 238 22.88 28.35 0.58
C VAL B 238 22.63 29.43 1.63
N LYS B 239 21.37 29.87 1.70
CA LYS B 239 20.96 30.94 2.60
C LYS B 239 19.95 30.38 3.59
N ALA B 240 20.16 30.69 4.87
CA ALA B 240 19.24 30.31 5.93
C ALA B 240 18.54 31.55 6.47
N THR B 241 17.24 31.42 6.72
CA THR B 241 16.47 32.53 7.24
C THR B 241 15.34 31.98 8.10
N ILE B 242 14.96 32.74 9.13
CA ILE B 242 13.98 32.27 10.11
C ILE B 242 12.61 32.83 9.73
N ILE B 243 11.61 31.95 9.66
CA ILE B 243 10.27 32.33 9.24
C ILE B 243 9.26 31.76 10.23
N SER B 244 8.10 32.41 10.29
CA SER B 244 7.06 32.03 11.22
C SER B 244 6.44 30.69 10.84
N GLU B 245 5.53 30.21 11.70
CA GLU B 245 4.81 28.97 11.41
C GLU B 245 3.75 29.18 10.34
N GLN B 246 2.99 30.28 10.44
CA GLN B 246 2.01 30.58 9.41
C GLN B 246 2.68 30.83 8.06
N GLN B 247 3.88 31.42 8.07
CA GLN B 247 4.64 31.62 6.83
C GLN B 247 5.02 30.28 6.20
N ALA B 248 5.49 29.34 7.03
CA ALA B 248 5.81 28.01 6.52
C ALA B 248 4.57 27.32 5.96
N LYS B 249 3.44 27.46 6.65
CA LYS B 249 2.18 26.93 6.16
C LYS B 249 1.84 27.53 4.79
N SER B 250 1.98 28.85 4.65
CA SER B 250 1.65 29.52 3.39
C SER B 250 2.61 29.12 2.27
N LEU B 251 3.85 28.80 2.61
CA LEU B 251 4.83 28.47 1.58
C LEU B 251 4.44 27.21 0.81
N LEU B 252 3.86 26.22 1.49
CA LEU B 252 3.48 24.99 0.80
C LEU B 252 2.32 25.19 -0.16
N LYS B 253 1.41 26.11 0.13
CA LYS B 253 0.40 26.50 -0.85
C LYS B 253 0.84 27.67 -1.71
N ASN B 254 2.02 28.23 -1.45
CA ASN B 254 2.61 29.31 -2.24
C ASN B 254 1.63 30.47 -2.49
N ASP B 260 9.42 37.72 3.34
CA ASP B 260 8.48 37.34 4.39
C ASP B 260 9.21 36.75 5.60
N TYR B 261 10.38 37.30 5.91
CA TYR B 261 11.12 36.80 7.06
C TYR B 261 10.50 37.29 8.36
N SER B 262 10.59 36.46 9.41
CA SER B 262 10.13 36.83 10.74
C SER B 262 11.29 37.10 11.69
N GLY B 263 12.52 37.08 11.20
CA GLY B 263 13.68 37.38 12.02
C GLY B 263 14.87 37.69 11.13
N GLU B 264 15.95 38.12 11.76
CA GLU B 264 17.23 38.31 11.10
C GLU B 264 18.24 37.37 11.75
N ILE B 265 19.01 36.68 10.93
CA ILE B 265 20.03 35.73 11.39
C ILE B 265 21.39 36.22 10.92
N LEU B 266 22.35 36.26 11.84
CA LEU B 266 23.72 36.54 11.49
C LEU B 266 24.40 35.30 10.94
N ASN B 267 25.42 35.51 10.11
CA ASN B 267 26.19 34.41 9.53
C ASN B 267 25.27 33.39 8.87
N ASN B 268 24.30 33.90 8.11
CA ASN B 268 23.19 33.10 7.62
C ASN B 268 23.35 32.67 6.16
N CYS B 269 24.44 33.03 5.50
CA CYS B 269 24.71 32.60 4.14
C CYS B 269 26.09 31.99 4.06
N CYS B 270 26.21 30.89 3.31
CA CYS B 270 27.49 30.20 3.17
C CYS B 270 27.47 29.45 1.85
N VAL B 271 28.57 28.76 1.56
CA VAL B 271 28.63 27.91 0.38
C VAL B 271 28.84 26.49 0.83
N MET B 272 28.49 25.55 -0.05
CA MET B 272 28.64 24.14 0.28
C MET B 272 30.10 23.73 0.16
N GLU B 273 30.43 22.63 0.82
CA GLU B 273 31.77 22.06 0.79
C GLU B 273 31.67 20.57 0.55
N TYR B 274 32.68 20.04 -0.15
CA TYR B 274 32.72 18.63 -0.53
C TYR B 274 33.87 17.96 0.20
N HIS B 275 33.54 16.99 1.04
CA HIS B 275 34.54 16.15 1.71
C HIS B 275 34.74 14.90 0.87
N GLN B 276 35.92 14.80 0.26
CA GLN B 276 36.29 13.66 -0.57
C GLN B 276 36.35 12.39 0.27
N ALA B 277 36.59 11.25 -0.38
CA ALA B 277 36.64 9.95 0.28
C ALA B 277 35.28 9.64 0.93
N THR B 278 34.84 10.49 1.86
CA THR B 278 33.48 10.41 2.34
C THR B 278 32.49 10.71 1.23
N GLY B 279 32.90 11.51 0.24
CA GLY B 279 32.03 11.85 -0.87
C GLY B 279 30.79 12.63 -0.49
N THR B 280 30.93 13.63 0.38
CA THR B 280 29.77 14.30 0.94
C THR B 280 29.76 15.76 0.54
N LEU B 281 28.56 16.28 0.25
CA LEU B 281 28.34 17.70 0.00
C LEU B 281 27.46 18.26 1.12
N SER B 282 28.02 19.18 1.91
CA SER B 282 27.30 19.68 3.07
C SER B 282 27.56 21.17 3.25
N ALA B 283 26.59 21.84 3.88
CA ALA B 283 26.69 23.24 4.23
C ALA B 283 26.63 23.35 5.76
N HIS B 284 27.70 23.90 6.34
CA HIS B 284 27.86 24.01 7.78
C HIS B 284 27.66 25.46 8.19
N PHE B 285 26.56 25.75 8.89
CA PHE B 285 26.33 27.04 9.52
C PHE B 285 26.74 26.87 10.98
N ARG B 286 27.98 27.24 11.32
CA ARG B 286 28.49 26.96 12.64
C ARG B 286 28.38 28.14 13.60
N ASN B 287 28.10 29.35 13.11
CA ASN B 287 28.16 30.55 13.93
C ASN B 287 26.97 31.45 13.66
N MET B 288 25.78 30.88 13.51
CA MET B 288 24.58 31.68 13.40
C MET B 288 24.23 32.29 14.75
N SER B 289 23.72 33.51 14.72
CA SER B 289 23.25 34.22 15.92
C SER B 289 21.96 34.93 15.56
N LEU B 290 20.94 34.77 16.40
CA LEU B 290 19.63 35.34 16.13
C LEU B 290 19.53 36.73 16.74
N LYS B 291 19.39 37.75 15.89
CA LYS B 291 19.18 39.12 16.34
C LYS B 291 17.84 39.58 15.80
N ARG B 292 17.02 40.17 16.68
CA ARG B 292 15.67 40.66 16.37
C ARG B 292 14.73 39.54 15.95
N ILE B 293 13.43 39.76 16.09
CA ILE B 293 12.45 38.74 15.75
C ILE B 293 11.05 39.35 15.74
N LYS B 294 10.21 38.86 14.84
CA LYS B 294 8.88 39.41 14.71
C LYS B 294 8.02 39.14 15.93
N ARG B 295 7.59 37.88 16.08
CA ARG B 295 6.67 37.45 17.14
C ARG B 295 5.26 38.02 16.95
N SER B 296 4.26 37.34 17.51
CA SER B 296 2.87 37.73 17.29
C SER B 296 2.26 38.43 18.50
N THR B 305 6.11 32.01 23.87
CA THR B 305 6.61 30.67 24.12
C THR B 305 5.78 29.63 23.35
N GLU B 306 4.51 29.94 23.12
CA GLU B 306 3.68 29.05 22.32
C GLU B 306 4.06 29.14 20.84
N GLU B 307 4.37 30.35 20.38
CA GLU B 307 4.65 30.57 18.97
C GLU B 307 5.93 29.85 18.56
N LYS B 308 5.83 29.02 17.53
CA LYS B 308 6.98 28.29 17.01
C LYS B 308 7.36 28.86 15.65
N PHE B 309 8.66 28.85 15.37
CA PHE B 309 9.20 29.30 14.09
C PHE B 309 9.91 28.13 13.43
N THR B 310 10.50 28.39 12.28
CA THR B 310 11.33 27.39 11.64
C THR B 310 12.43 28.07 10.84
N ILE B 311 13.58 27.41 10.78
CA ILE B 311 14.70 27.88 9.97
C ILE B 311 14.55 27.26 8.59
N LEU B 312 14.45 28.11 7.57
CA LEU B 312 14.31 27.67 6.19
C LEU B 312 15.66 27.81 5.50
N PHE B 313 16.12 26.74 4.89
CA PHE B 313 17.35 26.71 4.10
C PHE B 313 16.97 26.66 2.64
N GLU B 314 17.57 27.52 1.83
CA GLU B 314 17.27 27.50 0.41
C GLU B 314 18.54 27.68 -0.40
N SER B 315 18.56 27.02 -1.56
CA SER B 315 19.69 27.13 -2.48
C SER B 315 19.17 26.87 -3.90
N GLN B 316 20.06 27.07 -4.87
CA GLN B 316 19.77 26.78 -6.26
C GLN B 316 21.08 26.43 -6.96
N PHE B 317 21.02 25.46 -7.87
CA PHE B 317 22.24 25.06 -8.56
C PHE B 317 21.92 24.53 -9.94
N SER B 318 22.96 24.39 -10.76
CA SER B 318 22.81 23.89 -12.12
C SER B 318 23.36 22.48 -12.20
N VAL B 319 22.81 21.69 -13.12
CA VAL B 319 23.18 20.29 -13.30
C VAL B 319 23.68 20.10 -14.74
N GLY B 320 24.99 19.96 -14.90
CA GLY B 320 25.55 19.68 -16.22
C GLY B 320 25.23 20.74 -17.25
N GLY B 321 23.98 20.75 -17.73
CA GLY B 321 23.56 21.75 -18.69
C GLY B 321 23.28 23.06 -17.98
N ASN B 322 23.83 24.15 -18.51
CA ASN B 322 23.77 25.43 -17.80
C ASN B 322 22.34 25.90 -17.57
N GLU B 323 21.40 25.54 -18.46
CA GLU B 323 20.05 26.06 -18.32
C GLU B 323 19.20 25.22 -17.37
N LEU B 324 19.58 23.98 -17.08
CA LEU B 324 18.85 23.15 -16.14
C LEU B 324 19.19 23.62 -14.72
N VAL B 325 18.29 24.39 -14.12
CA VAL B 325 18.52 24.98 -12.80
C VAL B 325 17.48 24.45 -11.83
N PHE B 326 17.94 23.97 -10.68
CA PHE B 326 17.07 23.47 -9.62
C PHE B 326 17.07 24.46 -8.47
N GLN B 327 15.87 24.90 -8.08
CA GLN B 327 15.65 25.69 -6.88
C GLN B 327 15.15 24.73 -5.79
N VAL B 328 15.92 24.61 -4.71
CA VAL B 328 15.58 23.65 -3.67
C VAL B 328 15.51 24.34 -2.32
N LYS B 329 14.64 23.84 -1.45
CA LYS B 329 14.39 24.41 -0.14
C LYS B 329 14.10 23.30 0.85
N THR B 330 14.40 23.57 2.12
CA THR B 330 14.12 22.63 3.21
C THR B 330 13.79 23.41 4.47
N LEU B 331 13.04 22.77 5.36
CA LEU B 331 12.51 23.40 6.56
C LEU B 331 13.04 22.70 7.80
N SER B 332 13.61 23.47 8.72
CA SER B 332 14.00 22.92 10.01
C SER B 332 12.77 22.53 10.83
N LEU B 333 12.98 21.61 11.77
CA LEU B 333 11.93 21.26 12.71
C LEU B 333 11.50 22.49 13.50
N PRO B 334 10.26 22.50 14.02
CA PRO B 334 9.76 23.69 14.72
C PRO B 334 10.68 24.11 15.86
N VAL B 335 10.84 25.43 16.01
CA VAL B 335 11.76 26.02 16.98
C VAL B 335 11.02 27.06 17.80
N VAL B 336 11.34 27.15 19.09
CA VAL B 336 10.77 28.14 20.01
C VAL B 336 11.91 29.08 20.41
N VAL B 337 11.53 30.30 20.84
CA VAL B 337 12.47 31.41 20.92
C VAL B 337 12.75 31.85 22.36
N ILE B 338 11.70 32.17 23.13
CA ILE B 338 11.85 32.76 24.47
C ILE B 338 12.43 34.17 24.36
N VAL B 339 11.92 35.11 25.16
CA VAL B 339 12.36 36.50 25.04
C VAL B 339 13.67 36.74 25.77
N HIS B 340 13.73 36.48 27.08
CA HIS B 340 14.95 36.71 27.84
C HIS B 340 14.97 35.86 29.11
N GLY B 341 14.52 36.45 30.21
CA GLY B 341 14.34 35.77 31.48
C GLY B 341 13.04 35.01 31.60
N SER B 342 12.30 34.86 30.51
CA SER B 342 11.06 34.10 30.53
C SER B 342 11.34 32.63 30.88
N GLN B 343 10.33 31.97 31.42
CA GLN B 343 10.48 30.60 31.90
C GLN B 343 10.45 29.64 30.72
N ASP B 344 11.57 28.94 30.51
CA ASP B 344 11.72 28.02 29.39
C ASP B 344 10.74 26.86 29.43
N ASN B 345 10.25 26.50 30.62
CA ASN B 345 9.45 25.29 30.81
C ASN B 345 8.28 25.20 29.83
N ASN B 346 7.66 26.33 29.47
CA ASN B 346 6.52 26.26 28.57
C ASN B 346 6.98 25.89 27.16
N ALA B 347 8.09 26.47 26.71
CA ALA B 347 8.61 26.12 25.40
C ALA B 347 9.08 24.68 25.37
N THR B 348 9.67 24.20 26.47
CA THR B 348 10.08 22.81 26.55
C THR B 348 8.88 21.87 26.42
N ALA B 349 7.78 22.21 27.08
CA ALA B 349 6.54 21.45 26.93
C ALA B 349 6.11 21.41 25.47
N THR B 350 6.05 22.59 24.83
CA THR B 350 5.64 22.67 23.43
C THR B 350 6.52 21.80 22.53
N VAL B 351 7.84 21.95 22.65
CA VAL B 351 8.76 21.20 21.80
C VAL B 351 8.60 19.70 22.02
N LEU B 352 8.56 19.26 23.29
CA LEU B 352 8.41 17.84 23.56
C LEU B 352 7.13 17.30 22.95
N TRP B 353 6.03 18.05 23.09
CA TRP B 353 4.75 17.60 22.55
C TRP B 353 4.82 17.49 21.04
N ASP B 354 5.35 18.52 20.38
CA ASP B 354 5.43 18.54 18.93
C ASP B 354 6.26 17.38 18.41
N ASN B 355 7.52 17.29 18.85
CA ASN B 355 8.40 16.21 18.42
C ASN B 355 7.81 14.83 18.70
N ALA B 356 7.14 14.67 19.84
CA ALA B 356 6.63 13.34 20.18
C ALA B 356 5.43 12.95 19.33
N PHE B 357 4.52 13.90 19.06
CA PHE B 357 3.21 13.54 18.56
C PHE B 357 2.91 14.16 17.19
N ALA B 358 3.94 14.58 16.47
CA ALA B 358 3.74 15.14 15.14
C ALA B 358 3.23 14.08 14.18
N GLU B 359 2.19 14.41 13.41
CA GLU B 359 1.62 13.51 12.43
C GLU B 359 2.56 13.38 11.22
N PRO B 360 2.42 12.29 10.46
CA PRO B 360 3.34 12.11 9.32
C PRO B 360 3.12 13.12 8.19
N GLY B 361 1.88 13.41 7.84
CA GLY B 361 1.57 14.33 6.76
C GLY B 361 1.13 15.69 7.26
N ARG B 362 1.85 16.23 8.25
CA ARG B 362 1.43 17.44 8.92
C ARG B 362 1.30 18.63 7.97
N VAL B 363 0.19 19.34 8.08
CA VAL B 363 0.26 20.76 7.72
C VAL B 363 1.22 21.43 8.70
N PRO B 364 2.09 22.34 8.26
CA PRO B 364 3.21 22.78 9.12
C PRO B 364 2.84 23.11 10.57
N PHE B 365 3.39 22.30 11.48
CA PHE B 365 3.37 22.54 12.93
C PHE B 365 1.95 22.41 13.50
N ALA B 366 1.25 21.36 13.09
CA ALA B 366 -0.08 21.02 13.61
C ALA B 366 0.05 19.78 14.47
N VAL B 367 -0.37 19.88 15.73
CA VAL B 367 -0.18 18.79 16.67
C VAL B 367 -1.52 18.36 17.25
N PRO B 368 -1.69 17.09 17.61
CA PRO B 368 -2.96 16.64 18.16
C PRO B 368 -3.19 17.19 19.56
N ASP B 369 -4.46 17.39 19.88
CA ASP B 369 -4.86 17.76 21.23
C ASP B 369 -5.24 16.55 22.07
N LYS B 370 -5.26 15.35 21.48
CA LYS B 370 -5.77 14.18 22.17
C LYS B 370 -4.66 13.41 22.89
N VAL B 371 -3.96 12.53 22.16
CA VAL B 371 -2.89 11.68 22.68
C VAL B 371 -3.34 10.74 23.79
N LEU B 372 -2.95 9.48 23.69
CA LEU B 372 -3.22 8.49 24.72
C LEU B 372 -2.15 8.57 25.82
N TRP B 373 -2.50 8.08 27.01
CA TRP B 373 -1.60 8.20 28.15
C TRP B 373 -0.28 7.45 27.96
N PRO B 374 -0.25 6.17 27.54
CA PRO B 374 1.06 5.52 27.32
C PRO B 374 1.89 6.19 26.23
N GLN B 375 1.23 6.78 25.23
CA GLN B 375 1.95 7.53 24.21
C GLN B 375 2.74 8.67 24.83
N LEU B 376 2.13 9.39 25.77
CA LEU B 376 2.86 10.41 26.51
C LEU B 376 3.88 9.81 27.47
N CYS B 377 3.58 8.61 27.99
CA CYS B 377 4.49 7.96 28.93
C CYS B 377 5.84 7.68 28.28
N GLU B 378 5.83 7.16 27.05
CA GLU B 378 7.10 6.85 26.38
C GLU B 378 7.93 8.12 26.17
N ALA B 379 7.28 9.23 25.80
CA ALA B 379 8.00 10.48 25.59
C ALA B 379 8.55 11.03 26.90
N LEU B 380 7.73 10.99 27.96
CA LEU B 380 8.20 11.43 29.27
C LEU B 380 9.39 10.60 29.72
N ASN B 381 9.34 9.29 29.53
CA ASN B 381 10.46 8.44 29.90
C ASN B 381 11.70 8.79 29.08
N MET B 382 11.52 9.01 27.78
CA MET B 382 12.63 9.38 26.90
C MET B 382 13.33 10.63 27.40
N LYS B 383 12.58 11.74 27.52
CA LYS B 383 13.19 12.98 27.98
C LYS B 383 13.69 12.88 29.41
N PHE B 384 13.09 12.01 30.22
CA PHE B 384 13.54 11.86 31.60
C PHE B 384 14.93 11.23 31.63
N LYS B 385 15.12 10.07 30.99
CA LYS B 385 16.46 9.50 30.93
C LYS B 385 17.44 10.47 30.28
N ALA B 386 16.98 11.27 29.30
CA ALA B 386 17.89 12.22 28.67
C ALA B 386 18.37 13.26 29.66
N GLU B 387 17.44 13.89 30.39
CA GLU B 387 17.79 14.97 31.30
C GLU B 387 18.56 14.46 32.51
N VAL B 388 18.13 13.34 33.08
CA VAL B 388 18.78 12.81 34.29
C VAL B 388 20.09 12.10 33.99
N GLN B 389 20.40 11.87 32.71
CA GLN B 389 21.65 11.25 32.28
C GLN B 389 21.83 9.87 32.92
N SER B 390 20.84 9.01 32.70
CA SER B 390 20.88 7.68 33.26
C SER B 390 20.00 6.75 32.43
N ASN B 391 20.22 5.45 32.59
CA ASN B 391 19.40 4.43 31.96
C ASN B 391 18.33 3.88 32.90
N ARG B 392 18.17 4.48 34.08
CA ARG B 392 17.12 4.08 35.01
C ARG B 392 15.75 4.36 34.40
N GLY B 393 15.43 5.63 34.21
CA GLY B 393 14.18 5.98 33.58
C GLY B 393 12.98 5.67 34.46
N LEU B 394 11.81 5.74 33.84
CA LEU B 394 10.55 5.49 34.53
C LEU B 394 10.17 4.03 34.42
N THR B 395 9.88 3.41 35.56
CA THR B 395 9.39 2.04 35.61
C THR B 395 7.89 2.06 35.85
N LYS B 396 7.28 0.86 35.85
CA LYS B 396 5.83 0.77 35.96
C LYS B 396 5.31 1.46 37.22
N GLU B 397 5.99 1.27 38.35
CA GLU B 397 5.55 1.89 39.60
C GLU B 397 5.63 3.41 39.52
N ASN B 398 6.77 3.94 39.03
CA ASN B 398 6.85 5.37 38.78
C ASN B 398 5.71 5.83 37.89
N LEU B 399 5.49 5.12 36.77
CA LEU B 399 4.52 5.57 35.78
C LEU B 399 3.10 5.60 36.34
N VAL B 400 2.74 4.60 37.16
CA VAL B 400 1.43 4.68 37.80
C VAL B 400 1.38 5.83 38.79
N PHE B 401 2.51 6.15 39.45
CA PHE B 401 2.50 7.28 40.38
C PHE B 401 2.08 8.58 39.69
N LEU B 402 2.72 8.90 38.54
CA LEU B 402 2.32 10.11 37.83
C LEU B 402 0.91 9.98 37.27
N ALA B 403 0.50 8.77 36.89
CA ALA B 403 -0.85 8.57 36.36
C ALA B 403 -1.90 8.97 37.38
N GLN B 404 -1.70 8.59 38.65
CA GLN B 404 -2.64 9.00 39.69
C GLN B 404 -2.68 10.52 39.83
N LYS B 405 -1.57 11.20 39.54
CA LYS B 405 -1.57 12.65 39.59
C LYS B 405 -2.37 13.24 38.43
N LEU B 406 -2.14 12.75 37.22
CA LEU B 406 -2.82 13.30 36.05
C LEU B 406 -4.27 12.85 36.00
N PHE B 407 -4.52 11.61 35.60
CA PHE B 407 -5.87 11.07 35.67
C PHE B 407 -6.07 10.62 37.11
N ASN B 408 -6.70 11.47 37.91
CA ASN B 408 -6.93 11.22 39.33
C ASN B 408 -7.91 10.06 39.54
N ASN B 409 -7.36 8.87 39.74
CA ASN B 409 -8.16 7.68 40.07
C ASN B 409 -7.22 6.73 40.78
N SER B 410 -7.55 6.34 42.01
CA SER B 410 -6.64 5.51 42.80
C SER B 410 -6.77 4.05 42.40
N SER B 411 -6.58 3.80 41.10
CA SER B 411 -6.66 2.45 40.56
C SER B 411 -5.36 1.70 40.83
N SER B 412 -4.23 2.25 40.37
CA SER B 412 -2.91 1.68 40.66
C SER B 412 -2.78 0.24 40.17
N HIS B 413 -3.42 -0.08 39.05
CA HIS B 413 -3.38 -1.42 38.49
C HIS B 413 -2.62 -1.48 37.17
N LEU B 414 -1.74 -0.51 36.93
CA LEU B 414 -0.91 -0.45 35.73
C LEU B 414 -1.73 -0.54 34.43
N GLU B 415 -2.17 -1.75 34.09
CA GLU B 415 -2.88 -1.98 32.85
C GLU B 415 -4.25 -1.28 32.83
N ASP B 416 -4.76 -0.88 34.01
CA ASP B 416 -6.00 -0.13 34.06
C ASP B 416 -5.88 1.25 33.42
N TYR B 417 -4.68 1.81 33.35
CA TYR B 417 -4.43 3.09 32.70
C TYR B 417 -3.96 2.93 31.26
N SER B 418 -4.16 1.75 30.66
CA SER B 418 -3.69 1.51 29.29
C SER B 418 -4.46 2.36 28.28
N GLY B 419 -5.72 2.69 28.56
CA GLY B 419 -6.44 3.62 27.72
C GLY B 419 -6.26 5.04 28.22
N LEU B 420 -7.36 5.80 28.30
CA LEU B 420 -7.41 7.14 28.89
C LEU B 420 -6.64 8.16 28.07
N SER B 421 -7.25 9.33 27.85
CA SER B 421 -6.69 10.38 27.03
C SER B 421 -6.34 11.61 27.87
N VAL B 422 -5.09 12.07 27.75
CA VAL B 422 -4.62 13.26 28.45
C VAL B 422 -4.59 14.41 27.44
N SER B 423 -5.58 15.31 27.54
CA SER B 423 -5.61 16.48 26.68
C SER B 423 -4.36 17.33 26.91
N TRP B 424 -3.96 18.06 25.86
CA TRP B 424 -2.80 18.94 25.98
C TRP B 424 -2.99 19.96 27.09
N SER B 425 -4.21 20.50 27.21
CA SER B 425 -4.52 21.41 28.31
C SER B 425 -4.26 20.72 29.64
N GLN B 426 -4.87 19.55 29.85
CA GLN B 426 -4.61 18.78 31.07
C GLN B 426 -3.14 18.45 31.22
N PHE B 427 -2.36 18.49 30.14
CA PHE B 427 -0.91 18.33 30.23
C PHE B 427 -0.24 19.60 30.72
N ASN B 428 -0.63 20.77 30.20
CA ASN B 428 0.13 21.98 30.48
C ASN B 428 -0.75 23.22 30.65
N ARG B 429 -2.06 23.09 30.73
CA ARG B 429 -2.88 24.28 30.97
C ARG B 429 -3.84 24.13 32.14
N GLU B 430 -4.42 22.94 32.33
CA GLU B 430 -5.53 22.76 33.26
C GLU B 430 -5.12 22.87 34.73
N ASN B 431 -3.82 22.83 35.03
CA ASN B 431 -3.27 22.87 36.39
C ASN B 431 -3.65 21.63 37.19
N LEU B 432 -2.79 21.24 38.12
CA LEU B 432 -3.03 20.09 38.99
C LEU B 432 -4.01 20.50 40.10
N PRO B 433 -4.35 19.58 41.01
CA PRO B 433 -5.08 20.00 42.22
C PRO B 433 -4.32 20.99 43.08
N GLY B 434 -3.00 21.12 42.90
CA GLY B 434 -2.22 22.19 43.51
C GLY B 434 -2.26 23.44 42.66
N ARG B 435 -1.21 24.26 42.82
CA ARG B 435 -1.06 25.46 42.00
C ARG B 435 0.21 25.44 41.16
N ASN B 436 0.94 24.34 41.13
CA ASN B 436 2.09 24.23 40.25
C ASN B 436 1.63 24.23 38.79
N TYR B 437 2.35 24.98 37.95
CA TYR B 437 1.92 25.25 36.58
C TYR B 437 1.65 23.99 35.77
N THR B 438 0.59 23.26 36.15
CA THR B 438 0.12 22.05 35.48
C THR B 438 1.07 20.87 35.69
N PHE B 439 0.70 19.71 35.15
CA PHE B 439 1.46 18.49 35.36
C PHE B 439 2.88 18.60 34.80
N TRP B 440 3.07 19.36 33.72
CA TRP B 440 4.40 19.45 33.12
C TRP B 440 5.37 20.19 34.04
N GLN B 441 4.94 21.30 34.65
CA GLN B 441 5.85 22.09 35.47
C GLN B 441 6.38 21.28 36.63
N TRP B 442 5.51 20.48 37.25
CA TRP B 442 5.95 19.59 38.32
C TRP B 442 6.97 18.58 37.79
N PHE B 443 6.66 17.94 36.65
CA PHE B 443 7.55 16.93 36.10
C PHE B 443 8.85 17.56 35.59
N ASP B 444 8.73 18.67 34.85
CA ASP B 444 9.92 19.39 34.42
C ASP B 444 10.68 19.94 35.62
N GLY B 445 9.97 20.29 36.69
CA GLY B 445 10.63 20.78 37.88
C GLY B 445 11.49 19.72 38.54
N VAL B 446 10.95 18.51 38.73
CA VAL B 446 11.75 17.43 39.29
C VAL B 446 12.89 17.06 38.34
N MET B 447 12.63 17.07 37.03
CA MET B 447 13.69 16.82 36.06
C MET B 447 14.86 17.76 36.26
N GLU B 448 14.58 19.06 36.31
CA GLU B 448 15.64 20.06 36.38
C GLU B 448 16.33 20.03 37.75
N VAL B 449 15.56 19.87 38.83
CA VAL B 449 16.16 19.87 40.15
C VAL B 449 17.07 18.67 40.35
N LEU B 450 16.69 17.49 39.85
CA LEU B 450 17.57 16.34 40.01
C LEU B 450 18.68 16.30 38.96
N LYS B 451 18.49 16.97 37.83
CA LYS B 451 19.55 17.05 36.83
C LYS B 451 20.67 17.97 37.28
N LYS B 452 20.31 19.15 37.80
CA LYS B 452 21.31 20.14 38.16
C LYS B 452 22.04 19.83 39.46
N HIS B 453 21.46 19.00 40.32
CA HIS B 453 22.05 18.81 41.65
C HIS B 453 22.15 17.36 42.08
N LEU B 454 21.15 16.53 41.78
CA LEU B 454 21.04 15.20 42.37
C LEU B 454 21.04 14.12 41.29
N LYS B 455 21.73 14.38 40.17
CA LYS B 455 21.89 13.35 39.14
C LYS B 455 22.64 12.13 39.66
N PRO B 456 23.77 12.26 40.37
CA PRO B 456 24.43 11.03 40.86
C PRO B 456 23.57 10.24 41.81
N HIS B 457 22.96 10.90 42.80
CA HIS B 457 22.15 10.19 43.78
C HIS B 457 20.94 9.53 43.15
N TRP B 458 20.40 10.12 42.08
CA TRP B 458 19.38 9.42 41.32
C TRP B 458 19.95 8.21 40.59
N ASN B 459 21.13 8.38 39.98
CA ASN B 459 21.73 7.30 39.21
C ASN B 459 22.10 6.10 40.07
N ASP B 460 22.66 6.33 41.26
CA ASP B 460 23.04 5.20 42.12
C ASP B 460 21.83 4.55 42.79
N GLY B 461 20.69 5.22 42.81
CA GLY B 461 19.47 4.67 43.36
C GLY B 461 19.06 5.12 44.74
N ALA B 462 19.69 6.15 45.29
CA ALA B 462 19.29 6.63 46.61
C ALA B 462 17.92 7.29 46.57
N ILE B 463 17.56 7.93 45.46
CA ILE B 463 16.29 8.63 45.32
C ILE B 463 15.34 7.75 44.51
N LEU B 464 14.44 7.05 45.19
CA LEU B 464 13.30 6.46 44.51
C LEU B 464 12.30 7.54 44.07
N GLY B 465 12.05 8.51 44.94
CA GLY B 465 11.32 9.71 44.54
C GLY B 465 9.83 9.60 44.28
N PHE B 466 9.44 8.82 43.27
CA PHE B 466 8.04 8.80 42.80
C PHE B 466 7.18 7.93 43.71
N VAL B 467 7.00 8.41 44.94
CA VAL B 467 6.10 7.79 45.91
C VAL B 467 5.31 8.88 46.62
N ASN B 468 4.19 8.47 47.22
CA ASN B 468 3.33 9.37 47.97
C ASN B 468 3.44 9.12 49.46
N LYS B 469 2.91 10.07 50.23
CA LYS B 469 3.04 10.05 51.69
C LYS B 469 2.54 8.76 52.31
N GLN B 470 1.29 8.37 52.00
CA GLN B 470 0.73 7.18 52.63
C GLN B 470 1.48 5.92 52.22
N GLN B 471 1.94 5.85 50.97
CA GLN B 471 2.75 4.71 50.54
C GLN B 471 4.14 4.75 51.16
N ALA B 472 4.69 5.95 51.39
CA ALA B 472 6.02 6.08 51.97
C ALA B 472 6.11 5.49 53.37
N HIS B 473 5.03 5.57 54.15
CA HIS B 473 5.04 5.00 55.49
C HIS B 473 5.13 3.48 55.43
N ASP B 474 4.20 2.86 54.70
CA ASP B 474 4.18 1.40 54.58
C ASP B 474 5.54 0.86 54.15
N LEU B 475 6.29 1.63 53.36
CA LEU B 475 7.63 1.22 52.95
C LEU B 475 8.60 1.26 54.13
N LEU B 476 8.34 2.12 55.11
CA LEU B 476 9.33 2.31 56.20
C LEU B 476 8.90 1.65 57.51
N ILE B 477 7.67 1.17 57.61
CA ILE B 477 7.24 0.57 58.87
C ILE B 477 8.07 -0.68 59.19
N ASN B 478 8.14 -1.62 58.24
CA ASN B 478 8.88 -2.85 58.48
C ASN B 478 10.39 -2.61 58.53
N LYS B 479 10.87 -1.56 57.87
CA LYS B 479 12.29 -1.28 57.86
C LYS B 479 12.78 -0.93 59.26
N PRO B 480 14.04 -1.23 59.58
CA PRO B 480 14.58 -0.88 60.89
C PRO B 480 14.67 0.64 61.06
N ASP B 481 14.85 1.05 62.31
CA ASP B 481 14.94 2.47 62.62
C ASP B 481 16.13 3.10 61.91
N GLY B 482 15.89 4.27 61.30
CA GLY B 482 16.91 5.07 60.60
C GLY B 482 16.94 4.83 59.11
N THR B 483 15.89 4.23 58.56
CA THR B 483 15.82 3.97 57.10
C THR B 483 15.31 5.23 56.41
N PHE B 484 15.92 5.61 55.29
CA PHE B 484 15.60 6.83 54.56
C PHE B 484 14.38 6.67 53.65
N LEU B 485 13.87 7.83 53.23
CA LEU B 485 12.99 7.88 52.07
C LEU B 485 13.06 9.29 51.50
N LEU B 486 13.21 9.40 50.18
CA LEU B 486 13.20 10.69 49.49
C LEU B 486 12.06 10.69 48.49
N ARG B 487 11.10 11.59 48.67
CA ARG B 487 10.02 11.70 47.70
C ARG B 487 10.01 13.09 47.09
N PHE B 488 9.39 13.21 45.92
CA PHE B 488 9.29 14.53 45.30
C PHE B 488 8.10 15.27 45.88
N SER B 489 8.34 16.47 46.39
CA SER B 489 7.30 17.23 47.05
C SER B 489 6.23 17.67 46.06
N ASP B 490 4.98 17.34 46.36
CA ASP B 490 3.87 18.02 45.71
C ASP B 490 3.63 19.39 46.32
N SER B 491 4.29 19.71 47.45
CA SER B 491 4.13 21.02 48.07
C SER B 491 4.77 22.09 47.22
N GLU B 492 6.01 21.88 46.78
CA GLU B 492 6.74 22.80 45.93
C GLU B 492 7.15 22.08 44.65
N ILE B 493 7.28 22.84 43.57
CA ILE B 493 7.44 22.24 42.24
C ILE B 493 8.78 21.50 42.16
N GLY B 494 9.85 22.15 42.57
CA GLY B 494 11.17 21.57 42.40
C GLY B 494 11.78 20.97 43.65
N GLY B 495 10.98 20.68 44.66
CA GLY B 495 11.50 20.24 45.94
C GLY B 495 11.41 18.74 46.15
N ILE B 496 12.19 18.27 47.12
CA ILE B 496 12.14 16.89 47.59
C ILE B 496 11.97 16.91 49.10
N THR B 497 11.18 15.98 49.63
CA THR B 497 10.99 15.85 51.07
C THR B 497 11.62 14.55 51.55
N ILE B 498 11.90 14.56 52.84
CA ILE B 498 12.63 13.47 53.55
C ILE B 498 11.70 12.78 54.53
N ALA B 499 11.80 11.47 54.64
CA ALA B 499 10.96 10.76 55.61
C ALA B 499 11.83 9.70 56.27
N TRP B 500 11.81 9.62 57.59
CA TRP B 500 12.64 8.58 58.26
C TRP B 500 11.78 7.92 59.30
N LYS B 501 11.92 6.62 59.45
CA LYS B 501 11.14 5.93 60.48
C LYS B 501 12.09 5.78 61.63
N PHE B 502 11.73 6.33 62.77
CA PHE B 502 12.61 6.15 63.94
C PHE B 502 11.68 5.94 65.11
N ASP B 503 11.46 4.69 65.50
CA ASP B 503 10.53 4.43 66.58
C ASP B 503 10.89 5.26 67.81
N SER B 504 9.92 6.04 68.29
CA SER B 504 10.09 6.90 69.46
C SER B 504 8.79 6.88 70.25
N GLN B 505 8.81 7.54 71.41
CA GLN B 505 7.63 7.57 72.26
C GLN B 505 6.48 8.32 71.59
N GLU B 506 6.71 9.58 71.23
CA GLU B 506 5.65 10.40 70.65
C GLU B 506 5.46 10.14 69.16
N ARG B 507 6.46 9.57 68.48
CA ARG B 507 6.41 9.42 67.03
C ARG B 507 7.00 8.08 66.62
N MET B 508 6.56 7.60 65.46
CA MET B 508 7.28 6.57 64.74
C MET B 508 7.79 7.05 63.39
N PHE B 509 7.19 8.10 62.84
CA PHE B 509 7.58 8.69 61.55
C PHE B 509 7.84 10.17 61.75
N TRP B 510 9.11 10.55 61.56
CA TRP B 510 9.51 11.96 61.62
C TRP B 510 9.69 12.44 60.20
N HIS B 511 9.47 13.71 59.96
CA HIS B 511 9.63 14.19 58.57
C HIS B 511 10.35 15.54 58.58
N LEU B 512 10.89 15.89 57.43
CA LEU B 512 11.58 17.16 57.14
C LEU B 512 10.79 17.87 56.05
N MET B 513 10.90 19.17 55.94
CA MET B 513 10.16 19.91 54.93
C MET B 513 10.98 20.05 53.66
N PRO B 514 10.35 20.38 52.53
CA PRO B 514 11.00 20.15 51.23
C PRO B 514 12.28 20.97 51.03
N PHE B 515 13.23 20.35 50.33
CA PHE B 515 14.48 20.96 49.93
C PHE B 515 14.46 21.20 48.43
N THR B 516 14.73 22.43 48.00
CA THR B 516 14.71 22.80 46.59
C THR B 516 16.13 23.06 46.10
N THR B 517 16.25 23.67 44.90
CA THR B 517 17.57 23.99 44.37
C THR B 517 18.28 25.03 45.24
N ARG B 518 17.53 26.05 45.70
CA ARG B 518 18.15 27.08 46.52
C ARG B 518 18.80 26.46 47.75
N ASP B 519 18.05 25.64 48.48
CA ASP B 519 18.63 24.90 49.60
C ASP B 519 19.78 24.04 49.11
N PHE B 520 19.59 23.35 47.98
CA PHE B 520 20.64 22.49 47.45
C PHE B 520 21.82 23.30 46.91
N SER B 521 21.61 24.60 46.61
CA SER B 521 22.71 25.41 46.12
C SER B 521 23.77 25.61 47.21
N ILE B 522 23.34 25.78 48.44
CA ILE B 522 24.26 26.13 49.52
C ILE B 522 24.90 24.89 50.14
N ARG B 523 24.11 23.87 50.43
CA ARG B 523 24.63 22.63 51.01
C ARG B 523 24.16 21.46 50.17
N SER B 524 25.10 20.62 49.75
CA SER B 524 24.77 19.46 48.94
C SER B 524 23.89 18.49 49.73
N LEU B 525 23.12 17.70 48.99
CA LEU B 525 22.18 16.77 49.63
C LEU B 525 22.94 15.78 50.50
N ALA B 526 24.06 15.25 49.98
CA ALA B 526 24.87 14.33 50.75
C ALA B 526 25.33 14.97 52.05
N ASP B 527 25.73 16.24 51.99
CA ASP B 527 26.11 16.96 53.20
C ASP B 527 24.92 17.13 54.15
N ARG B 528 23.74 17.44 53.59
CA ARG B 528 22.53 17.57 54.40
C ARG B 528 22.25 16.30 55.18
N LEU B 529 22.33 15.14 54.51
CA LEU B 529 22.11 13.87 55.19
C LEU B 529 23.27 13.53 56.14
N GLY B 530 24.48 13.98 55.83
CA GLY B 530 25.60 13.74 56.72
C GLY B 530 25.47 14.45 58.05
N ASP B 531 24.97 15.69 58.03
CA ASP B 531 24.80 16.43 59.28
C ASP B 531 23.90 15.69 60.25
N LEU B 532 22.89 15.00 59.75
CA LEU B 532 21.91 14.31 60.58
C LEU B 532 22.38 12.87 60.82
N ASN B 533 23.03 12.65 61.96
CA ASN B 533 23.63 11.35 62.25
C ASN B 533 22.59 10.25 62.49
N TYR B 534 21.39 10.63 62.97
CA TYR B 534 20.34 9.62 63.26
C TYR B 534 19.78 9.05 61.98
N LEU B 535 20.10 9.71 60.88
CA LEU B 535 19.70 9.23 59.55
C LEU B 535 20.79 8.24 59.21
N ILE B 536 20.48 6.97 59.08
CA ILE B 536 21.57 5.99 59.03
C ILE B 536 21.50 5.07 57.82
N TYR B 537 20.30 4.79 57.34
CA TYR B 537 20.08 3.89 56.21
C TYR B 537 19.30 4.60 55.12
N VAL B 538 19.64 4.34 53.86
CA VAL B 538 18.84 4.80 52.73
C VAL B 538 17.63 3.86 52.70
N PHE B 539 17.09 3.54 51.53
CA PHE B 539 15.91 2.69 51.60
C PHE B 539 16.40 1.23 51.52
N PRO B 540 15.72 0.27 50.79
CA PRO B 540 15.82 -1.15 51.20
C PRO B 540 16.51 -1.39 52.53
N ASP B 541 17.71 -1.96 52.45
CA ASP B 541 18.59 -2.13 53.60
C ASP B 541 19.90 -1.37 53.44
N ARG B 542 20.09 -0.70 52.30
CA ARG B 542 21.36 -0.07 51.99
C ARG B 542 21.69 1.02 53.00
N PRO B 543 22.86 0.99 53.63
CA PRO B 543 23.22 2.02 54.61
C PRO B 543 23.56 3.34 53.94
N LYS B 544 23.50 4.41 54.74
CA LYS B 544 23.77 5.75 54.22
C LYS B 544 25.19 5.85 53.66
N ASP B 545 26.16 5.28 54.38
CA ASP B 545 27.57 5.45 54.00
C ASP B 545 27.85 4.90 52.60
N GLU B 546 27.31 3.72 52.28
CA GLU B 546 27.54 3.17 50.95
C GLU B 546 27.07 4.13 49.86
N VAL B 547 25.96 4.83 50.09
CA VAL B 547 25.41 5.72 49.07
C VAL B 547 26.15 7.06 49.03
N TYR B 548 26.26 7.74 50.17
CA TYR B 548 26.73 9.12 50.16
C TYR B 548 28.13 9.33 50.75
N SER B 549 28.79 8.31 51.28
CA SER B 549 30.17 8.52 51.71
C SER B 549 31.12 8.49 50.51
N LYS B 550 30.84 9.34 49.54
CA LYS B 550 31.65 9.45 48.33
C LYS B 550 31.43 10.85 47.78
N TYR B 551 30.26 11.43 48.08
CA TYR B 551 29.85 12.72 47.55
C TYR B 551 29.81 13.83 48.59
N TYR B 552 29.93 13.52 49.89
CA TYR B 552 30.03 14.58 50.88
C TYR B 552 31.26 15.44 50.60
N THR B 553 31.13 16.74 50.91
CA THR B 553 32.17 17.70 50.57
C THR B 553 33.04 18.01 51.78
N PRO B 554 34.26 17.48 51.86
CA PRO B 554 35.18 17.82 52.97
C PRO B 554 35.61 19.29 52.92
#